data_5O2A
#
_entry.id   5O2A
#
_cell.length_a   100.106
_cell.length_b   79.393
_cell.length_c   101.776
_cell.angle_alpha   90.00
_cell.angle_beta   113.80
_cell.angle_gamma   90.00
#
_symmetry.space_group_name_H-M   'P 1 21 1'
#
loop_
_entity.id
_entity.type
_entity.pdbx_description
1 polymer 'Bifunctional protein FolD'
2 polymer 'Bifunctional protein FolD'
3 polymer 'Bifunctional protein FolD'
4 polymer 'Bifunctional protein FolD'
5 water water
#
loop_
_entity_poly.entity_id
_entity_poly.type
_entity_poly.pdbx_seq_one_letter_code
_entity_poly.pdbx_strand_id
1 'polypeptide(L)'
;MGAAKIIDGKTIAQQVRSEVAQ(MLY)VQARIAAGLRAPGLAVVLVGSNPASQIYVASKRKACEEVGFVSRSYDLPETTS
EAELLELIDTLNADNTIDGILVHLPLPAGIDNVKVLERIHPDKDVDGFHPYNVGRLCQRAPRLRPCTPRGIVTLLERYNI
DTFGLNAVVIGASNIVGRPMSMELLLAGCTTTVTHRFT(MLY)NLRHHVENADLLIVAVGKPGFIPGDWIKEGAIVIDVG
INRLENGKVVGDVVFEDAAKRASYITPVPGGVGPMTVATLIENTLQACVEYHDPQDE
;
A
2 'polypeptide(L)'
;MGAAKIIDGKTIAQQVRSEVAQKVQARIAAGLRAPGLAVVLVGSNPASQIYVASKRKACEEVGFVSRSYDLPETTSEAEL
LELIDTLNADNTIDGILVHLPLPAGIDNVKVLERIHPDKDVDGFHPYNVGRLCQRAPRLRPCTPRGIVTLLERYNIDTFG
LNAVVIGASNIVGRPMSMELLLAGCTTTVTHRFTKNLRHHVENADLLIVAVG(MLY)PGFIPGDWI(MLY)EGAIVIDVG
INRLENGKVVGDVVFEDAAKRASYITPVPGGVGPMTVATLIENTLQACVEYHDPQDE
;
B
3 'polypeptide(L)'
;MGAA(MLY)IIDGKTIAQQVRSEVAQKVQARIAAGLRAPGLAVVLVGSNPASQIYVASKRKACEEVGFVSRSYDLPETTS
EAELLELIDTLNADNTIDGILVHLPLPAGIDNVKVLERIHPDKDVDGFHPYNVGRLCQRAPRLRPCTPRGIVTLLERYNI
DTFGLNAVVIGASNIVGRPMSMELLLAGCTTTVTHRFTKNLRHHVENADLLIVAVGKPGFIPGDWIKEGAIVIDVGINRL
ENGKVVGDVVFEDAAKRASYITPVPGGVGPMTVATLIENTLQACVEYHDPQDE
;
C
4 'polypeptide(L)'
;MGAAKIIDGKTIAQQVRSEVAQKVQARIAAGLRAPGLAVVLVGSNPASQIYVASKRKACEEVGFVSRSYDLPETTSEAEL
LELIDTLNADNTIDGILVHLPLPAGIDNVKVLERIHPDKDVDGFHPYNVGRLCQRAPRLRPCTPRGIVTLLERYNIDTFG
LNAVVIGASNIVGRPMSMELLLAGCTTTVTHRFTKNLRHHVENADLLIVAVGKPGFIPGDWIKEGAIVIDVGINRLENGK
VVGDVVFEDAAKRASYITPVPGGVGPMTVATLIENTLQACVEYHDPQDE
;
D
#
# COMPACT_ATOMS: atom_id res chain seq x y z
N ALA A 3 2.24 -37.12 0.52
CA ALA A 3 2.73 -37.15 -0.86
C ALA A 3 2.30 -35.92 -1.69
N ALA A 4 3.23 -35.33 -2.45
CA ALA A 4 2.92 -34.14 -3.24
C ALA A 4 1.83 -34.40 -4.28
N LYS A 5 0.96 -33.41 -4.44
CA LYS A 5 0.04 -33.41 -5.55
C LYS A 5 0.81 -33.06 -6.82
N ILE A 6 0.40 -33.67 -7.92
CA ILE A 6 1.05 -33.46 -9.22
C ILE A 6 0.46 -32.25 -9.90
N ILE A 7 1.32 -31.39 -10.43
CA ILE A 7 0.90 -30.30 -11.29
C ILE A 7 0.94 -30.85 -12.72
N ASP A 8 -0.23 -31.21 -13.25
CA ASP A 8 -0.34 -31.97 -14.49
C ASP A 8 -0.31 -31.01 -15.65
N GLY A 9 0.90 -30.67 -16.09
CA GLY A 9 1.05 -29.68 -17.13
C GLY A 9 0.52 -30.14 -18.47
N LYS A 10 0.55 -31.44 -18.75
CA LYS A 10 -0.05 -31.94 -19.97
C LYS A 10 -1.52 -31.60 -20.02
N THR A 11 -2.24 -31.85 -18.92
CA THR A 11 -3.69 -31.57 -18.89
C THR A 11 -3.97 -30.08 -18.97
N ILE A 12 -3.22 -29.25 -18.24
CA ILE A 12 -3.43 -27.80 -18.27
C ILE A 12 -3.14 -27.25 -19.65
N ALA A 13 -2.04 -27.70 -20.28
CA ALA A 13 -1.71 -27.24 -21.61
C ALA A 13 -2.86 -27.55 -22.59
N GLN A 14 -3.44 -28.74 -22.47
CA GLN A 14 -4.56 -29.11 -23.34
C GLN A 14 -5.77 -28.23 -23.07
N GLN A 15 -6.02 -27.90 -21.80
CA GLN A 15 -7.12 -26.98 -21.47
C GLN A 15 -6.91 -25.63 -22.16
N VAL A 16 -5.70 -25.05 -22.02
CA VAL A 16 -5.41 -23.75 -22.62
C VAL A 16 -5.57 -23.80 -24.14
N ARG A 17 -4.99 -24.81 -24.81
CA ARG A 17 -5.18 -24.97 -26.26
C ARG A 17 -6.66 -25.07 -26.64
N SER A 18 -7.43 -25.83 -25.86
CA SER A 18 -8.86 -25.97 -26.15
C SER A 18 -9.60 -24.64 -25.98
N GLU A 19 -9.17 -23.81 -25.04
CA GLU A 19 -9.79 -22.51 -24.85
C GLU A 19 -9.49 -21.59 -26.02
N VAL A 20 -8.26 -21.63 -26.49
CA VAL A 20 -7.90 -20.89 -27.70
C VAL A 20 -8.74 -21.38 -28.86
N ALA A 21 -8.82 -22.70 -29.04
CA ALA A 21 -9.54 -23.23 -30.18
C ALA A 21 -11.02 -22.81 -30.14
N GLN A 22 -11.63 -22.82 -28.94
CA GLN A 22 -13.06 -22.50 -28.83
C GLN A 22 -13.27 -21.00 -29.09
N VAL A 24 -11.46 -19.25 -31.22
CA VAL A 24 -11.38 -19.17 -32.66
C VAL A 24 -12.70 -19.63 -33.29
N GLN A 25 -13.24 -20.73 -32.79
CA GLN A 25 -14.55 -21.16 -33.26
C GLN A 25 -15.57 -20.03 -33.15
N ALA A 26 -15.58 -19.33 -32.02
CA ALA A 26 -16.54 -18.24 -31.81
C ALA A 26 -16.27 -17.07 -32.75
N ARG A 27 -14.99 -16.79 -33.04
CA ARG A 27 -14.67 -15.76 -34.04
C ARG A 27 -15.22 -16.13 -35.42
N ILE A 28 -14.98 -17.39 -35.86
CA ILE A 28 -15.50 -17.84 -37.14
C ILE A 28 -17.01 -17.70 -37.20
N ALA A 29 -17.68 -18.10 -36.12
CA ALA A 29 -19.13 -17.99 -36.07
C ALA A 29 -19.60 -16.55 -36.20
N ALA A 30 -18.80 -15.60 -35.73
CA ALA A 30 -19.13 -14.19 -35.79
C ALA A 30 -18.68 -13.54 -37.09
N GLY A 31 -18.10 -14.31 -38.01
CA GLY A 31 -17.66 -13.77 -39.27
C GLY A 31 -16.31 -13.09 -39.22
N LEU A 32 -15.52 -13.34 -38.18
CA LEU A 32 -14.20 -12.74 -38.04
C LEU A 32 -13.11 -13.70 -38.50
N ARG A 33 -11.95 -13.14 -38.84
CA ARG A 33 -10.87 -13.95 -39.35
C ARG A 33 -10.20 -14.73 -38.21
N ALA A 34 -9.61 -15.84 -38.56
CA ALA A 34 -8.78 -16.59 -37.64
C ALA A 34 -7.46 -15.85 -37.41
N PRO A 35 -6.88 -15.97 -36.23
CA PRO A 35 -5.52 -15.43 -36.03
C PRO A 35 -4.54 -16.08 -36.99
N GLY A 36 -3.47 -15.35 -37.29
CA GLY A 36 -2.45 -15.83 -38.21
C GLY A 36 -1.06 -15.72 -37.62
N LEU A 37 -0.28 -16.77 -37.80
CA LEU A 37 1.12 -16.81 -37.39
C LEU A 37 2.03 -16.92 -38.62
N ALA A 38 3.04 -16.07 -38.71
CA ALA A 38 4.07 -16.20 -39.73
C ALA A 38 5.37 -16.66 -39.08
N VAL A 39 6.04 -17.60 -39.74
CA VAL A 39 7.30 -18.18 -39.30
C VAL A 39 8.31 -17.98 -40.43
N VAL A 40 9.47 -17.41 -40.09
CA VAL A 40 10.50 -17.09 -41.07
C VAL A 40 11.74 -17.90 -40.75
N LEU A 41 12.21 -18.65 -41.74
CA LEU A 41 13.44 -19.42 -41.63
C LEU A 41 14.37 -19.01 -42.76
N VAL A 42 15.65 -18.99 -42.45
CA VAL A 42 16.68 -18.78 -43.46
C VAL A 42 17.59 -20.01 -43.40
N GLY A 43 17.74 -20.68 -44.54
CA GLY A 43 18.46 -21.95 -44.55
C GLY A 43 17.56 -23.06 -44.03
N SER A 44 18.07 -24.29 -44.09
CA SER A 44 17.28 -25.44 -43.69
C SER A 44 18.19 -26.50 -43.10
N ASN A 45 17.89 -26.90 -41.88
CA ASN A 45 18.50 -28.09 -41.30
C ASN A 45 17.44 -28.79 -40.47
N PRO A 46 17.72 -30.00 -39.96
CA PRO A 46 16.68 -30.70 -39.19
C PRO A 46 16.14 -29.90 -38.02
N ALA A 47 16.96 -29.04 -37.41
CA ALA A 47 16.50 -28.23 -36.29
C ALA A 47 15.44 -27.23 -36.74
N SER A 48 15.70 -26.51 -37.82
CA SER A 48 14.76 -25.51 -38.30
C SER A 48 13.49 -26.15 -38.83
N GLN A 49 13.60 -27.33 -39.44
CA GLN A 49 12.41 -27.94 -40.02
C GLN A 49 11.50 -28.51 -38.94
N ILE A 50 12.08 -29.06 -37.87
CA ILE A 50 11.29 -29.45 -36.72
C ILE A 50 10.55 -28.24 -36.17
N TYR A 51 11.25 -27.10 -36.09
CA TYR A 51 10.66 -25.89 -35.54
C TYR A 51 9.42 -25.47 -36.32
N VAL A 52 9.55 -25.36 -37.65
CA VAL A 52 8.42 -24.93 -38.49
C VAL A 52 7.28 -25.91 -38.38
N ALA A 53 7.59 -27.21 -38.50
CA ALA A 53 6.56 -28.23 -38.38
C ALA A 53 5.81 -28.11 -37.08
N SER A 54 6.53 -27.82 -36.00
CA SER A 54 5.91 -27.75 -34.69
C SER A 54 4.91 -26.59 -34.61
N LYS A 55 5.29 -25.43 -35.17
CA LYS A 55 4.40 -24.27 -35.11
C LYS A 55 3.24 -24.44 -36.08
N ARG A 56 3.48 -25.01 -37.26
CA ARG A 56 2.35 -25.28 -38.13
C ARG A 56 1.36 -26.23 -37.48
N LYS A 57 1.86 -27.30 -36.84
CA LYS A 57 1.03 -28.24 -36.09
C LYS A 57 0.18 -27.52 -35.05
N ALA A 58 0.80 -26.66 -34.26
CA ALA A 58 0.11 -25.97 -33.18
C ALA A 58 -0.98 -25.06 -33.71
N CYS A 59 -0.72 -24.41 -34.86
CA CYS A 59 -1.71 -23.58 -35.53
C CYS A 59 -2.87 -24.40 -36.06
N GLU A 60 -2.57 -25.49 -36.76
CA GLU A 60 -3.62 -26.34 -37.31
C GLU A 60 -4.54 -26.82 -36.21
N GLU A 61 -3.96 -27.16 -35.06
CA GLU A 61 -4.74 -27.73 -33.96
C GLU A 61 -5.85 -26.78 -33.51
N VAL A 62 -5.59 -25.48 -33.53
CA VAL A 62 -6.54 -24.54 -32.94
C VAL A 62 -7.24 -23.71 -34.00
N GLY A 63 -7.01 -24.02 -35.28
CA GLY A 63 -7.70 -23.38 -36.37
C GLY A 63 -7.15 -22.04 -36.81
N PHE A 64 -5.88 -21.74 -36.49
CA PHE A 64 -5.19 -20.54 -36.96
C PHE A 64 -4.79 -20.71 -38.44
N VAL A 65 -4.51 -19.57 -39.07
CA VAL A 65 -3.74 -19.51 -40.31
C VAL A 65 -2.26 -19.55 -39.97
N SER A 66 -1.48 -20.28 -40.74
CA SER A 66 -0.04 -20.19 -40.59
C SER A 66 0.58 -19.98 -41.95
N ARG A 67 1.62 -19.18 -41.97
CA ARG A 67 2.35 -18.81 -43.17
C ARG A 67 3.82 -19.04 -42.88
N SER A 68 4.49 -19.88 -43.67
CA SER A 68 5.90 -20.19 -43.46
C SER A 68 6.68 -19.64 -44.63
N TYR A 69 7.76 -18.93 -44.33
CA TYR A 69 8.68 -18.45 -45.34
C TYR A 69 9.99 -19.21 -45.18
N ASP A 70 10.44 -19.86 -46.24
CA ASP A 70 11.72 -20.53 -46.20
C ASP A 70 12.61 -19.80 -47.20
N LEU A 71 13.54 -18.98 -46.67
CA LEU A 71 14.41 -18.19 -47.52
C LEU A 71 15.78 -18.87 -47.66
N PRO A 72 16.42 -18.75 -48.82
CA PRO A 72 17.71 -19.42 -49.03
C PRO A 72 18.80 -18.71 -48.24
N GLU A 73 19.90 -19.43 -48.03
CA GLU A 73 21.06 -18.85 -47.35
C GLU A 73 21.66 -17.67 -48.12
N THR A 74 21.30 -17.44 -49.37
CA THR A 74 21.76 -16.26 -50.09
C THR A 74 21.06 -14.98 -49.64
N THR A 75 20.10 -15.09 -48.72
CA THR A 75 19.29 -13.94 -48.36
C THR A 75 20.14 -12.92 -47.60
N SER A 76 20.07 -11.68 -48.04
CA SER A 76 20.76 -10.59 -47.37
C SER A 76 19.99 -10.11 -46.14
N GLU A 77 20.69 -9.41 -45.26
CA GLU A 77 20.02 -8.79 -44.12
C GLU A 77 18.94 -7.81 -44.55
N ALA A 78 19.23 -7.01 -45.58
CA ALA A 78 18.25 -6.04 -46.05
C ALA A 78 16.96 -6.71 -46.54
N GLU A 79 17.10 -7.86 -47.21
CA GLU A 79 15.94 -8.55 -47.73
C GLU A 79 15.12 -9.14 -46.60
N LEU A 80 15.79 -9.67 -45.57
CA LEU A 80 15.08 -10.18 -44.41
C LEU A 80 14.33 -9.08 -43.65
N LEU A 81 14.97 -7.92 -43.45
CA LEU A 81 14.30 -6.82 -42.77
C LEU A 81 13.11 -6.30 -43.58
N GLU A 82 13.21 -6.33 -44.91
CA GLU A 82 12.08 -5.93 -45.73
C GLU A 82 10.91 -6.89 -45.57
N LEU A 83 11.18 -8.19 -45.50
CA LEU A 83 10.12 -9.15 -45.20
C LEU A 83 9.48 -8.87 -43.84
N ILE A 84 10.30 -8.65 -42.79
CA ILE A 84 9.75 -8.32 -41.47
C ILE A 84 8.85 -7.07 -41.57
N ASP A 85 9.32 -6.04 -42.27
CA ASP A 85 8.50 -4.86 -42.50
C ASP A 85 7.16 -5.23 -43.15
N THR A 86 7.20 -6.06 -44.19
CA THR A 86 5.98 -6.48 -44.86
C THR A 86 5.04 -7.19 -43.87
N LEU A 87 5.58 -8.06 -43.02
CA LEU A 87 4.73 -8.81 -42.10
C LEU A 87 4.19 -7.91 -40.98
N ASN A 88 5.02 -6.99 -40.48
CA ASN A 88 4.55 -6.00 -39.51
C ASN A 88 3.35 -5.21 -40.05
N ALA A 89 3.30 -4.98 -41.36
CA ALA A 89 2.23 -4.20 -41.98
C ALA A 89 1.04 -5.08 -42.42
N ASP A 90 1.15 -6.40 -42.34
CA ASP A 90 0.11 -7.29 -42.85
C ASP A 90 -0.93 -7.51 -41.76
N ASN A 91 -2.14 -6.98 -41.97
CA ASN A 91 -3.21 -7.01 -40.97
C ASN A 91 -3.79 -8.38 -40.74
N THR A 92 -3.45 -9.39 -41.54
CA THR A 92 -3.89 -10.74 -41.26
C THR A 92 -2.87 -11.54 -40.45
N ILE A 93 -1.73 -10.94 -40.12
CA ILE A 93 -0.67 -11.60 -39.36
C ILE A 93 -0.69 -11.00 -37.96
N ASP A 94 -0.82 -11.87 -36.97
CA ASP A 94 -0.82 -11.44 -35.57
C ASP A 94 0.46 -11.75 -34.85
N GLY A 95 1.18 -12.79 -35.26
CA GLY A 95 2.43 -13.15 -34.64
C GLY A 95 3.50 -13.42 -35.68
N ILE A 96 4.76 -13.03 -35.40
CA ILE A 96 5.91 -13.26 -36.27
C ILE A 96 6.98 -13.97 -35.44
N LEU A 97 7.48 -15.08 -35.95
CA LEU A 97 8.57 -15.82 -35.34
C LEU A 97 9.68 -15.89 -36.36
N VAL A 98 10.89 -15.56 -35.93
CA VAL A 98 12.08 -15.71 -36.75
C VAL A 98 12.96 -16.75 -36.09
N HIS A 99 13.26 -17.82 -36.83
CA HIS A 99 14.03 -18.92 -36.27
C HIS A 99 15.51 -18.57 -36.25
N LEU A 100 16.16 -18.84 -35.14
CA LEU A 100 17.61 -18.75 -35.00
C LEU A 100 18.20 -20.14 -34.91
N PRO A 101 19.45 -20.34 -35.36
CA PRO A 101 20.39 -19.33 -35.85
C PRO A 101 20.12 -18.82 -37.26
N LEU A 102 20.56 -17.60 -37.54
CA LEU A 102 20.59 -17.01 -38.87
C LEU A 102 22.00 -17.07 -39.44
N PRO A 103 22.16 -16.91 -40.75
CA PRO A 103 23.50 -16.89 -41.34
C PRO A 103 24.42 -15.89 -40.66
N ALA A 104 25.71 -16.25 -40.60
CA ALA A 104 26.67 -15.51 -39.78
C ALA A 104 26.72 -14.02 -40.15
N GLY A 105 26.44 -13.68 -41.42
CA GLY A 105 26.45 -12.29 -41.84
C GLY A 105 25.23 -11.46 -41.49
N ILE A 106 24.20 -12.03 -40.87
CA ILE A 106 23.00 -11.32 -40.49
C ILE A 106 23.10 -10.93 -39.02
N ASP A 107 22.72 -9.69 -38.71
CA ASP A 107 22.68 -9.21 -37.32
C ASP A 107 21.36 -9.68 -36.72
N ASN A 108 21.43 -10.77 -35.96
CA ASN A 108 20.26 -11.36 -35.31
C ASN A 108 19.45 -10.31 -34.55
N VAL A 109 20.13 -9.47 -33.78
CA VAL A 109 19.45 -8.54 -32.88
C VAL A 109 18.64 -7.53 -33.67
N LYS A 110 19.22 -6.99 -34.75
CA LYS A 110 18.52 -6.02 -35.58
C LYS A 110 17.28 -6.62 -36.19
N VAL A 111 17.37 -7.89 -36.62
CA VAL A 111 16.21 -8.55 -37.24
C VAL A 111 15.12 -8.78 -36.20
N LEU A 112 15.49 -9.34 -35.04
CA LEU A 112 14.47 -9.68 -34.05
C LEU A 112 13.81 -8.44 -33.47
N GLU A 113 14.57 -7.36 -33.28
CA GLU A 113 14.01 -6.10 -32.77
C GLU A 113 13.21 -5.33 -33.80
N ARG A 114 13.33 -5.67 -35.10
CA ARG A 114 12.48 -5.09 -36.13
C ARG A 114 11.03 -5.58 -36.03
N ILE A 115 10.81 -6.78 -35.50
CA ILE A 115 9.44 -7.25 -35.31
C ILE A 115 8.69 -6.26 -34.43
N HIS A 116 7.49 -5.88 -34.85
CA HIS A 116 6.68 -5.05 -33.97
C HIS A 116 6.39 -5.80 -32.67
N PRO A 117 6.56 -5.17 -31.51
CA PRO A 117 6.31 -5.88 -30.25
C PRO A 117 4.93 -6.49 -30.14
N ASP A 118 3.91 -5.88 -30.74
CA ASP A 118 2.57 -6.47 -30.65
C ASP A 118 2.38 -7.66 -31.60
N LYS A 119 3.39 -8.02 -32.36
CA LYS A 119 3.42 -9.29 -33.08
C LYS A 119 4.50 -10.23 -32.56
N ASP A 120 5.19 -9.85 -31.48
CA ASP A 120 6.27 -10.68 -30.95
C ASP A 120 5.70 -11.69 -29.95
N VAL A 121 5.13 -12.78 -30.49
CA VAL A 121 4.41 -13.73 -29.65
C VAL A 121 5.33 -14.60 -28.83
N ASP A 122 6.64 -14.61 -29.13
CA ASP A 122 7.60 -15.25 -28.25
C ASP A 122 7.87 -14.41 -27.00
N GLY A 123 7.61 -13.12 -27.04
CA GLY A 123 7.70 -12.30 -25.84
C GLY A 123 9.08 -11.76 -25.49
N PHE A 124 10.08 -11.99 -26.32
CA PHE A 124 11.44 -11.60 -25.95
C PHE A 124 11.94 -10.29 -26.56
N HIS A 125 11.17 -9.61 -27.39
CA HIS A 125 11.54 -8.27 -27.77
C HIS A 125 11.79 -7.45 -26.49
N PRO A 126 12.88 -6.68 -26.41
CA PRO A 126 13.13 -5.90 -25.17
C PRO A 126 11.95 -5.03 -24.77
N TYR A 127 11.20 -4.47 -25.73
CA TYR A 127 10.02 -3.69 -25.35
C TYR A 127 9.06 -4.52 -24.52
N ASN A 128 8.82 -5.77 -24.91
CA ASN A 128 7.90 -6.63 -24.17
C ASN A 128 8.46 -7.04 -22.82
N VAL A 129 9.76 -7.40 -22.78
CA VAL A 129 10.37 -7.72 -21.48
C VAL A 129 10.30 -6.51 -20.55
N GLY A 130 10.62 -5.33 -21.06
CA GLY A 130 10.57 -4.13 -20.25
C GLY A 130 9.17 -3.80 -19.76
N ARG A 131 8.15 -3.99 -20.62
CA ARG A 131 6.77 -3.77 -20.19
C ARG A 131 6.40 -4.69 -19.03
N LEU A 132 6.80 -5.97 -19.10
CA LEU A 132 6.58 -6.89 -17.98
C LEU A 132 7.33 -6.43 -16.72
N CYS A 133 8.58 -5.99 -16.88
CA CYS A 133 9.32 -5.47 -15.74
CA CYS A 133 9.32 -5.44 -15.75
C CYS A 133 8.58 -4.30 -15.10
N GLN A 134 7.93 -3.45 -15.90
CA GLN A 134 7.29 -2.23 -15.43
C GLN A 134 5.86 -2.43 -14.99
N ARG A 135 5.44 -3.68 -14.76
CA ARG A 135 4.10 -4.02 -14.27
C ARG A 135 3.02 -3.65 -15.25
N ALA A 136 3.33 -3.62 -16.53
CA ALA A 136 2.35 -3.31 -17.57
C ALA A 136 2.58 -4.27 -18.74
N PRO A 137 2.48 -5.57 -18.48
CA PRO A 137 2.82 -6.55 -19.52
C PRO A 137 1.93 -6.46 -20.76
N ARG A 138 2.54 -6.79 -21.89
CA ARG A 138 1.85 -6.98 -23.15
C ARG A 138 1.97 -8.46 -23.50
N LEU A 139 2.63 -8.80 -24.58
CA LEU A 139 2.97 -10.19 -24.86
C LEU A 139 4.19 -10.57 -24.02
N ARG A 140 4.15 -11.75 -23.42
CA ARG A 140 5.10 -12.13 -22.38
C ARG A 140 5.84 -13.41 -22.77
N PRO A 141 7.10 -13.56 -22.33
CA PRO A 141 7.82 -14.81 -22.56
C PRO A 141 7.01 -16.04 -22.16
N CYS A 142 7.08 -17.06 -23.03
CA CYS A 142 6.11 -18.14 -22.99
C CYS A 142 6.32 -19.06 -21.79
N THR A 143 7.56 -19.46 -21.49
CA THR A 143 7.73 -20.40 -20.38
C THR A 143 7.36 -19.78 -19.05
N PRO A 144 7.84 -18.58 -18.69
CA PRO A 144 7.42 -18.01 -17.41
C PRO A 144 5.91 -17.76 -17.35
N ARG A 145 5.30 -17.31 -18.44
CA ARG A 145 3.86 -17.08 -18.45
C ARG A 145 3.09 -18.39 -18.29
N GLY A 146 3.56 -19.47 -18.92
CA GLY A 146 2.95 -20.78 -18.71
C GLY A 146 3.02 -21.27 -17.26
N ILE A 147 4.12 -20.97 -16.57
CA ILE A 147 4.24 -21.34 -15.16
C ILE A 147 3.23 -20.58 -14.32
N VAL A 148 3.05 -19.28 -14.59
CA VAL A 148 2.01 -18.52 -13.88
C VAL A 148 0.63 -19.13 -14.11
N THR A 149 0.35 -19.51 -15.35
CA THR A 149 -0.90 -20.22 -15.64
C THR A 149 -1.06 -21.49 -14.79
N LEU A 150 0.00 -22.31 -14.68
CA LEU A 150 -0.10 -23.53 -13.88
C LEU A 150 -0.52 -23.22 -12.45
N LEU A 151 0.12 -22.21 -11.85
CA LEU A 151 -0.22 -21.82 -10.49
C LEU A 151 -1.66 -21.34 -10.38
N GLU A 152 -2.12 -20.55 -11.36
CA GLU A 152 -3.51 -20.10 -11.34
C GLU A 152 -4.48 -21.27 -11.45
N ARG A 153 -4.20 -22.22 -12.35
CA ARG A 153 -5.16 -23.32 -12.56
C ARG A 153 -5.22 -24.27 -11.38
N TYR A 154 -4.18 -24.32 -10.54
CA TYR A 154 -4.22 -25.10 -9.31
C TYR A 154 -4.62 -24.25 -8.10
N ASN A 155 -5.07 -23.01 -8.35
CA ASN A 155 -5.59 -22.12 -7.33
C ASN A 155 -4.57 -21.87 -6.22
N ILE A 156 -3.33 -21.69 -6.62
CA ILE A 156 -2.24 -21.45 -5.69
C ILE A 156 -2.10 -19.95 -5.52
N ASP A 157 -2.28 -19.47 -4.30
CA ASP A 157 -2.19 -18.03 -4.05
C ASP A 157 -0.73 -17.63 -3.98
N THR A 158 -0.33 -16.74 -4.89
CA THR A 158 1.07 -16.35 -5.00
C THR A 158 1.42 -15.13 -4.16
N PHE A 159 0.45 -14.34 -3.73
CA PHE A 159 0.76 -13.12 -2.99
C PHE A 159 1.38 -13.46 -1.63
N GLY A 160 2.59 -12.95 -1.39
CA GLY A 160 3.29 -13.18 -0.16
C GLY A 160 4.22 -14.36 -0.16
N LEU A 161 4.17 -15.25 -1.17
CA LEU A 161 5.03 -16.42 -1.11
C LEU A 161 6.47 -15.97 -1.22
N ASN A 162 7.36 -16.65 -0.51
CA ASN A 162 8.79 -16.52 -0.72
C ASN A 162 9.15 -17.44 -1.89
N ALA A 163 9.39 -16.84 -3.06
CA ALA A 163 9.67 -17.55 -4.30
C ALA A 163 11.16 -17.46 -4.60
N VAL A 164 11.76 -18.61 -4.93
CA VAL A 164 13.17 -18.69 -5.26
C VAL A 164 13.27 -19.27 -6.67
N VAL A 165 13.93 -18.55 -7.56
CA VAL A 165 14.26 -19.03 -8.90
C VAL A 165 15.71 -19.49 -8.88
N ILE A 166 15.97 -20.65 -9.44
CA ILE A 166 17.34 -21.16 -9.58
C ILE A 166 17.68 -21.10 -11.05
N GLY A 167 18.58 -20.18 -11.39
CA GLY A 167 19.01 -19.93 -12.74
C GLY A 167 18.56 -18.55 -13.15
N ALA A 168 19.45 -17.74 -13.74
CA ALA A 168 19.09 -16.39 -14.14
C ALA A 168 19.14 -16.23 -15.65
N SER A 169 18.73 -17.26 -16.39
CA SER A 169 18.82 -17.18 -17.85
C SER A 169 17.88 -16.10 -18.40
N ASN A 170 18.23 -15.60 -19.60
CA ASN A 170 17.33 -14.73 -20.33
C ASN A 170 16.05 -15.46 -20.71
N ILE A 171 16.11 -16.75 -21.02
CA ILE A 171 14.94 -17.42 -21.56
C ILE A 171 13.92 -17.76 -20.47
N VAL A 172 14.34 -17.87 -19.22
CA VAL A 172 13.44 -18.33 -18.17
C VAL A 172 13.65 -17.51 -16.89
N GLY A 173 14.84 -17.57 -16.29
CA GLY A 173 15.00 -17.09 -14.91
C GLY A 173 14.72 -15.61 -14.71
N ARG A 174 15.30 -14.79 -15.57
CA ARG A 174 15.09 -13.34 -15.46
C ARG A 174 13.63 -12.96 -15.68
N PRO A 175 12.98 -13.31 -16.80
CA PRO A 175 11.55 -13.00 -16.92
C PRO A 175 10.69 -13.68 -15.87
N MET A 176 11.07 -14.87 -15.40
CA MET A 176 10.32 -15.51 -14.35
C MET A 176 10.26 -14.62 -13.12
N SER A 177 11.38 -13.98 -12.81
CA SER A 177 11.41 -13.15 -11.61
C SER A 177 10.43 -11.99 -11.73
N MET A 178 10.28 -11.41 -12.93
N MET A 178 10.29 -11.43 -12.93
CA MET A 178 9.35 -10.31 -13.07
CA MET A 178 9.36 -10.33 -13.14
C MET A 178 7.90 -10.77 -13.12
C MET A 178 7.92 -10.80 -13.07
N GLU A 179 7.60 -11.97 -13.63
CA GLU A 179 6.25 -12.52 -13.49
C GLU A 179 5.90 -12.75 -12.02
N LEU A 180 6.85 -13.31 -11.27
CA LEU A 180 6.63 -13.58 -9.85
C LEU A 180 6.39 -12.28 -9.08
N LEU A 181 7.14 -11.22 -9.40
CA LEU A 181 6.88 -9.96 -8.73
C LEU A 181 5.51 -9.42 -9.09
N LEU A 182 5.13 -9.56 -10.37
CA LEU A 182 3.78 -9.15 -10.76
C LEU A 182 2.72 -9.95 -10.01
N ALA A 183 2.99 -11.22 -9.69
CA ALA A 183 2.09 -12.07 -8.94
C ALA A 183 2.20 -11.90 -7.41
N GLY A 184 2.98 -10.93 -6.95
CA GLY A 184 3.01 -10.59 -5.53
C GLY A 184 3.93 -11.45 -4.69
N CYS A 185 4.81 -12.23 -5.29
CA CYS A 185 5.75 -13.01 -4.52
C CYS A 185 6.93 -12.17 -4.12
N THR A 186 7.47 -12.46 -2.94
CA THR A 186 8.82 -12.04 -2.61
C THR A 186 9.78 -12.89 -3.42
N THR A 187 10.63 -12.27 -4.22
CA THR A 187 11.27 -12.98 -5.32
C THR A 187 12.78 -12.96 -5.13
N THR A 188 13.39 -14.13 -5.02
CA THR A 188 14.85 -14.28 -4.98
C THR A 188 15.34 -14.96 -6.25
N VAL A 189 16.31 -14.34 -6.93
CA VAL A 189 16.93 -14.96 -8.10
C VAL A 189 18.31 -15.44 -7.68
N THR A 190 18.53 -16.75 -7.75
CA THR A 190 19.83 -17.36 -7.53
C THR A 190 20.39 -17.82 -8.86
N HIS A 191 21.68 -18.10 -8.87
CA HIS A 191 22.34 -18.43 -10.11
C HIS A 191 23.69 -19.06 -9.77
N ARG A 192 24.59 -19.10 -10.74
CA ARG A 192 25.82 -19.86 -10.56
C ARG A 192 26.72 -19.29 -9.47
N PHE A 193 26.57 -18.01 -9.12
CA PHE A 193 27.43 -17.40 -8.11
C PHE A 193 26.78 -17.36 -6.74
N THR A 194 25.62 -17.99 -6.56
CA THR A 194 24.92 -17.90 -5.28
C THR A 194 25.65 -18.76 -4.22
N ASN A 196 25.78 -20.85 -0.81
CA ASN A 196 24.88 -21.66 0.02
C ASN A 196 23.44 -21.70 -0.52
N LEU A 197 23.33 -22.27 -1.71
CA LEU A 197 22.02 -22.40 -2.34
C LEU A 197 21.02 -23.07 -1.44
N ARG A 198 21.48 -24.06 -0.67
CA ARG A 198 20.55 -24.83 0.16
C ARG A 198 19.76 -23.93 1.11
N HIS A 199 20.42 -22.92 1.68
CA HIS A 199 19.71 -22.00 2.57
C HIS A 199 18.54 -21.33 1.86
N HIS A 200 18.74 -20.90 0.60
CA HIS A 200 17.66 -20.29 -0.15
C HIS A 200 16.57 -21.31 -0.44
N VAL A 201 16.95 -22.50 -0.89
CA VAL A 201 15.96 -23.54 -1.20
C VAL A 201 15.14 -23.93 0.02
N GLU A 202 15.78 -24.11 1.17
CA GLU A 202 15.07 -24.52 2.38
C GLU A 202 14.01 -23.52 2.83
N ASN A 203 14.13 -22.25 2.39
CA ASN A 203 13.18 -21.21 2.77
C ASN A 203 12.13 -20.95 1.70
N ALA A 204 12.16 -21.65 0.58
CA ALA A 204 11.29 -21.30 -0.54
C ALA A 204 9.91 -21.95 -0.41
N ASP A 205 8.86 -21.11 -0.38
CA ASP A 205 7.48 -21.59 -0.50
C ASP A 205 7.20 -22.07 -1.92
N LEU A 206 7.86 -21.43 -2.87
CA LEU A 206 7.69 -21.68 -4.28
C LEU A 206 9.09 -21.70 -4.89
N LEU A 207 9.45 -22.79 -5.56
CA LEU A 207 10.79 -23.02 -6.07
C LEU A 207 10.66 -23.28 -7.55
N ILE A 208 11.34 -22.48 -8.37
CA ILE A 208 11.34 -22.65 -9.81
C ILE A 208 12.78 -22.95 -10.21
N VAL A 209 13.03 -24.14 -10.76
CA VAL A 209 14.40 -24.57 -11.04
C VAL A 209 14.56 -24.68 -12.54
N ALA A 210 15.54 -23.95 -13.09
CA ALA A 210 15.74 -23.86 -14.53
C ALA A 210 17.24 -23.79 -14.81
N VAL A 211 17.98 -24.83 -14.44
CA VAL A 211 19.42 -24.85 -14.71
C VAL A 211 19.80 -25.83 -15.82
N GLY A 212 18.96 -26.82 -16.12
CA GLY A 212 19.29 -27.78 -17.18
C GLY A 212 20.41 -28.72 -16.79
N LYS A 213 20.37 -29.25 -15.59
CA LYS A 213 21.38 -30.14 -15.00
C LYS A 213 20.62 -31.20 -14.21
N PRO A 214 20.71 -32.46 -14.61
CA PRO A 214 19.87 -33.49 -13.96
C PRO A 214 20.22 -33.66 -12.50
N GLY A 215 19.17 -33.62 -11.66
CA GLY A 215 19.36 -33.84 -10.24
C GLY A 215 20.21 -32.82 -9.54
N PHE A 216 20.26 -31.58 -10.04
CA PHE A 216 21.08 -30.53 -9.43
C PHE A 216 20.65 -30.24 -8.01
N ILE A 217 19.33 -30.21 -7.75
CA ILE A 217 18.80 -29.91 -6.42
C ILE A 217 18.39 -31.24 -5.77
N PRO A 218 19.02 -31.66 -4.69
CA PRO A 218 18.53 -32.86 -4.00
C PRO A 218 17.17 -32.61 -3.40
N GLY A 219 16.37 -33.68 -3.40
CA GLY A 219 15.02 -33.57 -2.92
C GLY A 219 14.89 -33.23 -1.45
N ASP A 220 15.88 -33.61 -0.63
CA ASP A 220 15.72 -33.32 0.79
CA ASP A 220 15.91 -33.34 0.80
C ASP A 220 15.99 -31.85 1.13
N TRP A 221 16.34 -31.01 0.14
CA TRP A 221 16.46 -29.58 0.37
C TRP A 221 15.12 -28.86 0.36
N ILE A 222 14.10 -29.49 -0.25
CA ILE A 222 12.79 -28.87 -0.44
C ILE A 222 12.12 -28.60 0.91
N LYS A 223 11.61 -27.39 1.07
CA LYS A 223 10.85 -27.01 2.25
C LYS A 223 9.56 -27.82 2.33
N GLU A 224 9.24 -28.30 3.52
CA GLU A 224 8.00 -29.05 3.68
C GLU A 224 6.81 -28.16 3.27
N GLY A 225 5.99 -28.66 2.36
CA GLY A 225 4.87 -27.88 1.85
C GLY A 225 5.17 -27.02 0.63
N ALA A 226 6.39 -26.99 0.12
CA ALA A 226 6.71 -26.12 -1.00
C ALA A 226 5.99 -26.54 -2.27
N ILE A 227 5.82 -25.57 -3.16
CA ILE A 227 5.43 -25.80 -4.55
C ILE A 227 6.72 -25.86 -5.37
N VAL A 228 6.92 -26.95 -6.10
CA VAL A 228 8.16 -27.19 -6.83
C VAL A 228 7.86 -27.25 -8.33
N ILE A 229 8.44 -26.32 -9.08
CA ILE A 229 8.28 -26.18 -10.52
C ILE A 229 9.63 -26.51 -11.14
N ASP A 230 9.69 -27.59 -11.91
CA ASP A 230 10.95 -28.08 -12.47
C ASP A 230 10.94 -27.84 -13.98
N VAL A 231 11.75 -26.88 -14.44
CA VAL A 231 11.79 -26.52 -15.85
C VAL A 231 12.79 -27.37 -16.63
N GLY A 232 13.61 -28.14 -15.95
CA GLY A 232 14.60 -28.96 -16.63
C GLY A 232 13.95 -30.07 -17.45
N ILE A 233 14.56 -30.34 -18.60
CA ILE A 233 14.22 -31.51 -19.41
C ILE A 233 15.57 -32.06 -19.81
N ASN A 234 16.06 -33.04 -19.06
CA ASN A 234 17.40 -33.57 -19.23
C ASN A 234 17.29 -35.01 -19.71
N ARG A 235 17.81 -35.26 -20.92
CA ARG A 235 17.88 -36.60 -21.46
C ARG A 235 19.12 -37.32 -20.91
N LEU A 236 18.90 -38.48 -20.30
CA LEU A 236 19.98 -39.27 -19.74
C LEU A 236 20.45 -40.35 -20.70
N GLU A 237 21.62 -40.91 -20.40
CA GLU A 237 22.22 -41.99 -21.19
C GLU A 237 21.19 -43.06 -21.52
N ASN A 238 20.47 -43.55 -20.51
CA ASN A 238 19.55 -44.68 -20.67
C ASN A 238 18.22 -44.29 -21.32
N GLY A 239 18.12 -43.09 -21.92
CA GLY A 239 16.91 -42.68 -22.62
C GLY A 239 15.88 -42.01 -21.75
N LYS A 240 16.03 -42.08 -20.43
CA LYS A 240 15.09 -41.42 -19.53
C LYS A 240 15.24 -39.89 -19.60
N VAL A 241 14.13 -39.20 -19.32
CA VAL A 241 14.07 -37.74 -19.25
C VAL A 241 13.74 -37.36 -17.82
N VAL A 242 14.56 -36.46 -17.25
CA VAL A 242 14.53 -36.16 -15.82
C VAL A 242 14.67 -34.65 -15.64
N GLY A 243 14.20 -34.14 -14.51
CA GLY A 243 14.27 -32.73 -14.26
C GLY A 243 15.53 -32.33 -13.49
N ASP A 244 15.60 -31.03 -13.15
CA ASP A 244 16.71 -30.49 -12.38
C ASP A 244 16.62 -30.80 -10.88
N VAL A 245 15.47 -31.26 -10.39
CA VAL A 245 15.23 -31.62 -9.01
C VAL A 245 15.05 -33.14 -8.94
N VAL A 246 15.65 -33.77 -7.93
CA VAL A 246 15.46 -35.21 -7.76
C VAL A 246 14.04 -35.46 -7.26
N PHE A 247 13.22 -36.10 -8.12
CA PHE A 247 11.76 -36.09 -7.95
C PHE A 247 11.33 -36.88 -6.72
N GLU A 248 11.79 -38.13 -6.60
CA GLU A 248 11.29 -39.05 -5.56
C GLU A 248 11.40 -38.43 -4.17
N ASP A 249 12.51 -37.78 -3.90
CA ASP A 249 12.73 -37.21 -2.58
C ASP A 249 11.96 -35.89 -2.40
N ALA A 250 11.95 -35.07 -3.45
CA ALA A 250 11.18 -33.82 -3.43
C ALA A 250 9.70 -34.06 -3.21
N ALA A 251 9.16 -35.12 -3.82
CA ALA A 251 7.72 -35.36 -3.76
C ALA A 251 7.26 -35.85 -2.39
N LYS A 252 8.19 -36.30 -1.55
CA LYS A 252 7.84 -36.64 -0.18
C LYS A 252 7.67 -35.39 0.67
N ARG A 253 8.18 -34.25 0.22
CA ARG A 253 8.17 -33.04 1.03
C ARG A 253 7.27 -31.94 0.48
N ALA A 254 7.14 -31.84 -0.84
CA ALA A 254 6.42 -30.72 -1.46
C ALA A 254 4.91 -30.89 -1.29
N SER A 255 4.18 -29.77 -1.32
CA SER A 255 2.73 -29.91 -1.44
C SER A 255 2.31 -30.13 -2.88
N TYR A 256 3.05 -29.60 -3.84
CA TYR A 256 2.76 -29.70 -5.26
C TYR A 256 4.08 -29.83 -5.99
N ILE A 257 4.10 -30.60 -7.08
CA ILE A 257 5.32 -30.73 -7.87
C ILE A 257 4.96 -31.06 -9.32
N THR A 258 5.71 -30.51 -10.23
CA THR A 258 5.59 -30.78 -11.65
C THR A 258 6.39 -32.03 -11.99
N PRO A 259 5.80 -33.00 -12.67
CA PRO A 259 6.58 -34.11 -13.17
C PRO A 259 7.41 -33.67 -14.38
N VAL A 260 8.37 -34.53 -14.72
CA VAL A 260 9.18 -34.38 -15.93
C VAL A 260 9.27 -35.77 -16.57
N PRO A 261 8.84 -35.94 -17.83
CA PRO A 261 8.16 -34.96 -18.67
C PRO A 261 6.71 -34.73 -18.23
N GLY A 262 6.01 -33.88 -18.98
CA GLY A 262 4.58 -33.65 -18.76
C GLY A 262 4.24 -32.56 -17.76
N GLY A 263 5.16 -31.66 -17.47
CA GLY A 263 4.90 -30.60 -16.50
C GLY A 263 4.95 -29.23 -17.13
N VAL A 264 6.08 -28.55 -16.98
CA VAL A 264 6.25 -27.24 -17.58
C VAL A 264 6.28 -27.32 -19.13
N GLY A 265 6.87 -28.39 -19.66
CA GLY A 265 7.18 -28.48 -21.07
C GLY A 265 6.02 -28.15 -22.00
N PRO A 266 4.87 -28.81 -21.82
CA PRO A 266 3.73 -28.53 -22.73
C PRO A 266 3.13 -27.14 -22.60
N MET A 267 3.32 -26.46 -21.45
CA MET A 267 2.81 -25.12 -21.27
C MET A 267 3.50 -24.09 -22.14
N THR A 268 4.76 -24.31 -22.55
CA THR A 268 5.46 -23.36 -23.42
C THR A 268 4.80 -23.17 -24.77
N VAL A 269 4.49 -24.28 -25.52
CA VAL A 269 3.84 -24.14 -26.82
C VAL A 269 2.40 -23.69 -26.65
N ALA A 270 1.71 -24.19 -25.61
CA ALA A 270 0.35 -23.72 -25.36
C ALA A 270 0.32 -22.20 -25.14
N THR A 271 1.31 -21.66 -24.43
CA THR A 271 1.30 -20.23 -24.18
C THR A 271 1.62 -19.42 -25.43
N LEU A 272 2.44 -19.94 -26.35
CA LEU A 272 2.69 -19.26 -27.63
C LEU A 272 1.40 -19.07 -28.41
N ILE A 273 0.57 -20.12 -28.43
CA ILE A 273 -0.72 -20.09 -29.13
C ILE A 273 -1.66 -19.13 -28.44
N GLU A 274 -1.63 -19.11 -27.11
CA GLU A 274 -2.45 -18.19 -26.34
C GLU A 274 -2.00 -16.74 -26.58
N ASN A 275 -0.69 -16.53 -26.67
CA ASN A 275 -0.14 -15.21 -26.99
C ASN A 275 -0.60 -14.73 -28.37
N THR A 276 -0.63 -15.64 -29.34
CA THR A 276 -1.01 -15.27 -30.69
C THR A 276 -2.47 -14.86 -30.74
N LEU A 277 -3.33 -15.57 -30.00
CA LEU A 277 -4.73 -15.16 -29.94
C LEU A 277 -4.87 -13.82 -29.25
N GLN A 278 -4.11 -13.62 -28.16
CA GLN A 278 -4.14 -12.33 -27.45
C GLN A 278 -3.77 -11.19 -28.38
N ALA A 279 -2.70 -11.37 -29.15
CA ALA A 279 -2.31 -10.33 -30.09
C ALA A 279 -3.45 -9.99 -31.06
N CYS A 280 -4.11 -11.02 -31.59
CA CYS A 280 -5.23 -10.83 -32.49
C CYS A 280 -6.40 -10.12 -31.82
N VAL A 281 -6.87 -10.66 -30.70
CA VAL A 281 -8.11 -10.21 -30.06
C VAL A 281 -7.92 -8.84 -29.40
N GLU A 282 -6.74 -8.59 -28.84
CA GLU A 282 -6.55 -7.36 -28.07
C GLU A 282 -5.89 -6.24 -28.85
N TYR A 283 -4.92 -6.55 -29.71
CA TYR A 283 -4.11 -5.53 -30.34
C TYR A 283 -4.40 -5.31 -31.81
N HIS A 284 -4.92 -6.31 -32.53
CA HIS A 284 -5.00 -6.21 -33.98
C HIS A 284 -6.42 -6.15 -34.51
N ASP A 285 -7.31 -7.00 -34.01
CA ASP A 285 -8.69 -7.08 -34.51
C ASP A 285 -9.66 -7.09 -33.32
N PRO A 286 -9.59 -6.07 -32.46
CA PRO A 286 -10.52 -5.99 -31.33
C PRO A 286 -11.92 -5.61 -31.78
N GLN A 287 -12.90 -5.96 -30.97
CA GLN A 287 -14.30 -5.69 -31.25
C GLN A 287 -14.83 -4.54 -30.39
N GLY B 2 30.33 -0.24 16.73
CA GLY B 2 30.82 -0.24 15.32
C GLY B 2 30.85 1.18 14.76
N ALA B 3 31.65 1.37 13.64
CA ALA B 3 31.79 2.64 12.92
C ALA B 3 31.85 2.31 11.42
N ALA B 4 30.68 2.20 10.82
CA ALA B 4 30.60 2.04 9.38
C ALA B 4 31.35 3.14 8.68
N LYS B 5 31.91 2.82 7.51
CA LYS B 5 32.47 3.84 6.65
C LYS B 5 31.36 4.50 5.84
N ILE B 6 31.56 5.77 5.51
CA ILE B 6 30.60 6.52 4.70
C ILE B 6 30.79 6.17 3.22
N ILE B 7 29.69 5.93 2.52
CA ILE B 7 29.68 5.97 1.05
C ILE B 7 29.32 7.42 0.70
N ASP B 8 30.35 8.17 0.29
CA ASP B 8 30.26 9.63 0.16
C ASP B 8 29.84 9.92 -1.28
N GLY B 9 28.52 9.92 -1.48
CA GLY B 9 27.99 10.13 -2.80
C GLY B 9 28.20 11.54 -3.30
N LYS B 10 28.22 12.52 -2.38
CA LYS B 10 28.53 13.88 -2.79
C LYS B 10 29.89 13.95 -3.47
N THR B 11 30.87 13.24 -2.91
CA THR B 11 32.22 13.27 -3.48
C THR B 11 32.29 12.47 -4.77
N ILE B 12 31.66 11.29 -4.80
CA ILE B 12 31.69 10.50 -6.03
C ILE B 12 30.95 11.22 -7.13
N ALA B 13 29.87 11.91 -6.81
CA ALA B 13 29.16 12.61 -7.88
C ALA B 13 30.00 13.75 -8.45
N GLN B 14 30.80 14.40 -7.60
CA GLN B 14 31.71 15.42 -8.07
C GLN B 14 32.74 14.84 -9.04
N GLN B 15 33.26 13.65 -8.72
CA GLN B 15 34.20 12.98 -9.62
C GLN B 15 33.56 12.69 -10.97
N VAL B 16 32.33 12.17 -10.95
CA VAL B 16 31.64 11.86 -12.19
C VAL B 16 31.39 13.12 -13.00
N ARG B 17 30.97 14.22 -12.35
CA ARG B 17 30.74 15.47 -13.07
C ARG B 17 32.04 16.02 -13.65
N SER B 18 33.15 15.90 -12.92
CA SER B 18 34.42 16.36 -13.44
C SER B 18 34.87 15.53 -14.63
N GLU B 19 34.67 14.22 -14.59
CA GLU B 19 35.03 13.38 -15.73
C GLU B 19 34.21 13.77 -16.96
N VAL B 20 32.89 13.95 -16.79
CA VAL B 20 32.04 14.37 -17.90
C VAL B 20 32.47 15.73 -18.44
N ALA B 21 32.66 16.72 -17.56
CA ALA B 21 33.08 18.05 -17.98
C ALA B 21 34.38 17.99 -18.78
N GLN B 22 35.29 17.11 -18.39
CA GLN B 22 36.57 17.02 -19.09
C GLN B 22 36.38 16.44 -20.50
N LYS B 23 35.47 15.47 -20.63
CA LYS B 23 35.18 14.92 -21.95
C LYS B 23 34.47 15.93 -22.83
N VAL B 24 33.56 16.72 -22.25
CA VAL B 24 32.91 17.79 -23.01
C VAL B 24 33.96 18.78 -23.52
N GLN B 25 34.86 19.23 -22.65
CA GLN B 25 35.91 20.15 -23.07
C GLN B 25 36.74 19.57 -24.20
N ALA B 26 37.03 18.27 -24.14
CA ALA B 26 37.82 17.64 -25.18
C ALA B 26 37.06 17.58 -26.50
N ARG B 27 35.74 17.37 -26.45
CA ARG B 27 34.95 17.43 -27.68
C ARG B 27 34.99 18.83 -28.27
N ILE B 28 34.76 19.85 -27.45
CA ILE B 28 34.83 21.23 -27.91
C ILE B 28 36.18 21.48 -28.58
N ALA B 29 37.26 21.08 -27.93
CA ALA B 29 38.58 21.31 -28.49
C ALA B 29 38.75 20.64 -29.86
N ALA B 30 38.03 19.54 -30.10
CA ALA B 30 38.10 18.83 -31.35
C ALA B 30 37.10 19.34 -32.39
N GLY B 31 36.40 20.45 -32.11
CA GLY B 31 35.43 20.97 -33.04
C GLY B 31 34.11 20.24 -33.07
N LEU B 32 33.78 19.51 -32.00
CA LEU B 32 32.54 18.76 -31.88
C LEU B 32 31.59 19.49 -30.94
N ARG B 33 30.30 19.32 -31.19
CA ARG B 33 29.28 20.00 -30.39
C ARG B 33 29.22 19.43 -28.97
N ALA B 34 28.75 20.27 -28.06
CA ALA B 34 28.44 19.87 -26.70
C ALA B 34 27.17 19.04 -26.67
N PRO B 35 27.06 18.07 -25.76
CA PRO B 35 25.80 17.33 -25.64
C PRO B 35 24.66 18.28 -25.28
N GLY B 36 23.47 17.92 -25.75
CA GLY B 36 22.27 18.72 -25.49
C GLY B 36 21.17 17.94 -24.82
N LEU B 37 20.53 18.58 -23.86
CA LEU B 37 19.40 18.00 -23.12
C LEU B 37 18.17 18.89 -23.33
N ALA B 38 17.02 18.25 -23.57
CA ALA B 38 15.77 18.94 -23.77
C ALA B 38 14.77 18.49 -22.72
N VAL B 39 14.13 19.45 -22.07
CA VAL B 39 13.09 19.19 -21.07
C VAL B 39 11.77 19.76 -21.55
N VAL B 40 10.71 18.94 -21.48
CA VAL B 40 9.38 19.29 -21.96
C VAL B 40 8.43 19.31 -20.77
N LEU B 41 7.67 20.40 -20.64
CA LEU B 41 6.68 20.55 -19.57
C LEU B 41 5.37 21.02 -20.18
N VAL B 42 4.27 20.44 -19.71
CA VAL B 42 2.93 20.88 -20.09
C VAL B 42 2.27 21.45 -18.84
N GLY B 43 1.84 22.69 -18.93
CA GLY B 43 1.40 23.40 -17.75
C GLY B 43 2.60 23.71 -16.87
N SER B 44 2.32 24.36 -15.75
CA SER B 44 3.41 24.78 -14.88
C SER B 44 2.91 24.87 -13.44
N ASN B 45 3.85 24.81 -12.52
CA ASN B 45 3.61 25.00 -11.09
C ASN B 45 4.97 25.05 -10.42
N PRO B 46 5.05 25.47 -9.15
CA PRO B 46 6.37 25.61 -8.51
C PRO B 46 7.21 24.34 -8.56
N ALA B 47 6.60 23.16 -8.43
CA ALA B 47 7.39 21.93 -8.41
C ALA B 47 8.02 21.66 -9.78
N SER B 48 7.25 21.83 -10.85
CA SER B 48 7.81 21.56 -12.16
C SER B 48 8.90 22.57 -12.49
N GLN B 49 8.81 23.81 -12.00
CA GLN B 49 9.88 24.76 -12.28
C GLN B 49 11.13 24.47 -11.45
N ILE B 50 10.97 23.87 -10.28
CA ILE B 50 12.13 23.34 -9.56
C ILE B 50 12.76 22.20 -10.36
N TYR B 51 11.93 21.37 -10.98
CA TYR B 51 12.43 20.29 -11.82
C TYR B 51 13.27 20.83 -12.98
N VAL B 52 12.72 21.80 -13.73
CA VAL B 52 13.44 22.41 -14.85
C VAL B 52 14.76 23.02 -14.38
N ALA B 53 14.72 23.81 -13.31
CA ALA B 53 15.91 24.53 -12.89
C ALA B 53 17.02 23.55 -12.49
N SER B 54 16.66 22.44 -11.85
CA SER B 54 17.69 21.47 -11.45
C SER B 54 18.33 20.82 -12.67
N LYS B 55 17.55 20.57 -13.74
CA LYS B 55 18.16 20.01 -14.94
C LYS B 55 19.03 21.05 -15.63
N ARG B 56 18.56 22.30 -15.67
CA ARG B 56 19.36 23.41 -16.18
C ARG B 56 20.71 23.51 -15.47
N LYS B 57 20.72 23.53 -14.13
CA LYS B 57 22.01 23.71 -13.47
C LYS B 57 22.90 22.49 -13.60
N ALA B 58 22.31 21.29 -13.65
CA ALA B 58 23.11 20.09 -13.90
C ALA B 58 23.84 20.22 -15.24
N CYS B 59 23.16 20.73 -16.26
CA CYS B 59 23.78 20.94 -17.57
C CYS B 59 24.86 21.98 -17.51
N GLU B 60 24.63 23.08 -16.79
CA GLU B 60 25.62 24.14 -16.82
C GLU B 60 26.88 23.75 -16.05
N GLU B 61 26.75 22.85 -15.08
CA GLU B 61 27.95 22.45 -14.35
C GLU B 61 28.93 21.64 -15.18
N VAL B 62 28.48 20.99 -16.25
CA VAL B 62 29.37 20.20 -17.11
C VAL B 62 29.49 20.74 -18.52
N GLY B 63 28.81 21.84 -18.84
CA GLY B 63 28.96 22.42 -20.16
C GLY B 63 28.07 21.82 -21.22
N PHE B 64 26.95 21.20 -20.84
CA PHE B 64 25.94 20.79 -21.81
C PHE B 64 25.14 22.03 -22.24
N VAL B 65 24.49 21.93 -23.43
CA VAL B 65 23.41 22.85 -23.79
C VAL B 65 22.10 22.32 -23.23
N SER B 66 21.27 23.19 -22.66
CA SER B 66 19.96 22.77 -22.17
C SER B 66 18.90 23.61 -22.85
N ARG B 67 17.77 22.96 -23.14
CA ARG B 67 16.62 23.67 -23.65
C ARG B 67 15.38 23.18 -22.93
N SER B 68 14.49 24.13 -22.66
CA SER B 68 13.25 23.88 -21.95
C SER B 68 12.11 24.27 -22.86
N TYR B 69 11.12 23.38 -23.02
CA TYR B 69 9.88 23.71 -23.68
C TYR B 69 8.80 23.82 -22.60
N ASP B 70 8.14 24.96 -22.53
CA ASP B 70 6.97 25.15 -21.67
C ASP B 70 5.74 25.28 -22.57
N LEU B 71 4.90 24.20 -22.62
CA LEU B 71 3.69 24.20 -23.41
C LEU B 71 2.48 24.52 -22.55
N PRO B 72 1.46 25.14 -23.11
CA PRO B 72 0.28 25.48 -22.30
C PRO B 72 -0.51 24.24 -21.90
N GLU B 73 -1.22 24.37 -20.77
CA GLU B 73 -1.98 23.26 -20.21
C GLU B 73 -2.95 22.67 -21.22
N THR B 74 -3.36 23.46 -22.21
CA THR B 74 -4.35 23.03 -23.19
C THR B 74 -3.75 22.17 -24.31
N THR B 75 -2.44 21.97 -24.34
CA THR B 75 -1.80 21.22 -25.41
C THR B 75 -2.44 19.85 -25.56
N SER B 76 -2.64 19.44 -26.79
CA SER B 76 -3.23 18.15 -27.10
C SER B 76 -2.17 17.07 -27.19
N GLU B 77 -2.61 15.83 -26.98
CA GLU B 77 -1.72 14.69 -27.15
C GLU B 77 -1.07 14.71 -28.52
N ALA B 78 -1.84 15.01 -29.56
CA ALA B 78 -1.27 15.01 -30.90
C ALA B 78 -0.16 16.05 -31.05
N GLU B 79 -0.38 17.27 -30.54
CA GLU B 79 0.67 18.29 -30.57
C GLU B 79 1.91 17.82 -29.83
N LEU B 80 1.72 17.14 -28.69
CA LEU B 80 2.86 16.74 -27.87
C LEU B 80 3.65 15.64 -28.55
N LEU B 81 2.96 14.66 -29.15
CA LEU B 81 3.67 13.62 -29.88
C LEU B 81 4.45 14.21 -31.04
N GLU B 82 3.91 15.27 -31.66
CA GLU B 82 4.59 15.93 -32.78
C GLU B 82 5.87 16.61 -32.31
N LEU B 83 5.84 17.23 -31.13
CA LEU B 83 7.07 17.80 -30.57
C LEU B 83 8.10 16.73 -30.27
N ILE B 84 7.67 15.61 -29.69
CA ILE B 84 8.60 14.51 -29.45
C ILE B 84 9.22 14.04 -30.76
N ASP B 85 8.40 13.90 -31.81
CA ASP B 85 8.94 13.51 -33.11
C ASP B 85 10.03 14.48 -33.56
N THR B 86 9.77 15.79 -33.46
CA THR B 86 10.75 16.81 -33.84
C THR B 86 12.03 16.68 -33.04
N LEU B 87 11.91 16.46 -31.73
CA LEU B 87 13.10 16.32 -30.89
C LEU B 87 13.84 15.01 -31.21
N ASN B 88 13.11 13.92 -31.48
CA ASN B 88 13.74 12.67 -31.88
C ASN B 88 14.57 12.86 -33.17
N ALA B 89 14.10 13.71 -34.07
CA ALA B 89 14.80 13.98 -35.32
C ALA B 89 15.90 15.05 -35.20
N ASP B 90 16.03 15.72 -34.07
CA ASP B 90 16.95 16.86 -33.95
C ASP B 90 18.33 16.34 -33.55
N ASN B 91 19.31 16.51 -34.44
CA ASN B 91 20.61 15.87 -34.20
C ASN B 91 21.44 16.58 -33.14
N THR B 92 21.06 17.80 -32.72
CA THR B 92 21.71 18.50 -31.62
C THR B 92 21.14 18.13 -30.25
N ILE B 93 20.13 17.27 -30.19
CA ILE B 93 19.55 16.83 -28.92
C ILE B 93 19.96 15.40 -28.66
N ASP B 94 20.54 15.16 -27.48
CA ASP B 94 20.95 13.82 -27.08
C ASP B 94 20.01 13.18 -26.10
N GLY B 95 19.34 13.99 -25.29
CA GLY B 95 18.46 13.50 -24.27
C GLY B 95 17.18 14.28 -24.22
N ILE B 96 16.07 13.58 -24.01
CA ILE B 96 14.74 14.16 -23.89
C ILE B 96 14.15 13.70 -22.55
N LEU B 97 13.65 14.66 -21.79
CA LEU B 97 12.95 14.42 -20.54
C LEU B 97 11.58 15.06 -20.66
N VAL B 98 10.55 14.32 -20.28
CA VAL B 98 9.20 14.84 -20.25
C VAL B 98 8.75 14.81 -18.81
N HIS B 99 8.42 15.99 -18.27
CA HIS B 99 8.04 16.08 -16.86
C HIS B 99 6.62 15.57 -16.67
N LEU B 100 6.46 14.72 -15.67
CA LEU B 100 5.22 14.14 -15.28
C LEU B 100 4.88 14.74 -13.93
N PRO B 101 3.64 15.14 -13.70
CA PRO B 101 2.26 14.99 -14.14
C PRO B 101 1.97 15.63 -15.52
N LEU B 102 1.42 14.82 -16.54
CA LEU B 102 0.83 15.48 -17.71
C LEU B 102 -0.66 15.70 -17.48
N PRO B 103 -1.24 16.70 -18.13
CA PRO B 103 -2.64 17.05 -17.84
C PRO B 103 -3.57 15.88 -18.09
N ALA B 104 -4.66 15.84 -17.32
CA ALA B 104 -5.67 14.84 -17.50
C ALA B 104 -6.16 14.87 -18.94
N GLY B 105 -6.22 13.70 -19.57
CA GLY B 105 -6.65 13.56 -20.93
C GLY B 105 -5.56 13.15 -21.90
N ILE B 106 -4.30 13.31 -21.50
CA ILE B 106 -3.17 12.89 -22.32
C ILE B 106 -2.70 11.53 -21.84
N ASP B 107 -2.46 10.62 -22.77
CA ASP B 107 -1.96 9.29 -22.43
C ASP B 107 -0.46 9.40 -22.15
N ASN B 108 -0.10 9.46 -20.85
CA ASN B 108 1.30 9.60 -20.43
C ASN B 108 2.21 8.55 -21.07
N VAL B 109 1.75 7.31 -21.09
CA VAL B 109 2.57 6.18 -21.52
C VAL B 109 2.90 6.30 -23.00
N LYS B 110 1.90 6.65 -23.82
CA LYS B 110 2.14 6.81 -25.25
C LYS B 110 3.15 7.94 -25.53
N VAL B 111 3.07 9.02 -24.77
CA VAL B 111 4.01 10.13 -24.97
C VAL B 111 5.42 9.71 -24.60
N LEU B 112 5.58 9.12 -23.40
CA LEU B 112 6.92 8.72 -22.97
C LEU B 112 7.50 7.65 -23.89
N GLU B 113 6.68 6.70 -24.34
CA GLU B 113 7.22 5.66 -25.20
C GLU B 113 7.50 6.16 -26.62
N ARG B 114 7.01 7.35 -26.97
CA ARG B 114 7.34 7.96 -28.26
C ARG B 114 8.79 8.44 -28.31
N ILE B 115 9.39 8.74 -27.16
CA ILE B 115 10.80 9.12 -27.11
C ILE B 115 11.64 7.98 -27.67
N HIS B 116 12.59 8.31 -28.54
CA HIS B 116 13.51 7.30 -29.05
CA HIS B 116 13.49 7.28 -29.04
C HIS B 116 14.34 6.76 -27.88
N PRO B 117 14.47 5.44 -27.72
CA PRO B 117 15.22 4.91 -26.58
C PRO B 117 16.64 5.43 -26.52
N ASP B 118 17.26 5.76 -27.67
CA ASP B 118 18.59 6.37 -27.73
C ASP B 118 18.65 7.79 -27.15
N LYS B 119 17.52 8.43 -26.91
CA LYS B 119 17.48 9.73 -26.22
C LYS B 119 16.79 9.65 -24.88
N ASP B 120 16.42 8.45 -24.43
CA ASP B 120 15.76 8.26 -23.14
C ASP B 120 16.83 8.18 -22.04
N VAL B 121 17.36 9.35 -21.67
CA VAL B 121 18.46 9.40 -20.71
C VAL B 121 18.03 9.11 -19.27
N ASP B 122 16.73 9.16 -18.99
CA ASP B 122 16.20 8.72 -17.70
C ASP B 122 16.16 7.20 -17.60
N GLY B 123 16.18 6.51 -18.72
CA GLY B 123 16.27 5.07 -18.78
C GLY B 123 14.98 4.32 -18.53
N PHE B 124 13.82 4.97 -18.59
CA PHE B 124 12.55 4.38 -18.22
C PHE B 124 11.76 3.84 -19.42
N HIS B 125 12.20 4.09 -20.64
CA HIS B 125 11.55 3.48 -21.80
C HIS B 125 11.59 1.96 -21.65
N PRO B 126 10.48 1.27 -21.85
CA PRO B 126 10.50 -0.19 -21.75
C PRO B 126 11.58 -0.86 -22.55
N TYR B 127 11.89 -0.35 -23.76
CA TYR B 127 12.98 -0.91 -24.55
C TYR B 127 14.28 -0.93 -23.74
N ASN B 128 14.59 0.18 -23.06
CA ASN B 128 15.84 0.25 -22.31
C ASN B 128 15.81 -0.64 -21.07
N VAL B 129 14.67 -0.68 -20.37
CA VAL B 129 14.54 -1.56 -19.22
C VAL B 129 14.70 -3.03 -19.67
N GLY B 130 14.07 -3.40 -20.78
CA GLY B 130 14.16 -4.79 -21.24
C GLY B 130 15.57 -5.15 -21.68
N ARG B 131 16.26 -4.22 -22.36
CA ARG B 131 17.66 -4.44 -22.69
C ARG B 131 18.49 -4.70 -21.44
N LEU B 132 18.27 -3.93 -20.38
CA LEU B 132 18.98 -4.14 -19.13
C LEU B 132 18.68 -5.52 -18.56
N CYS B 133 17.40 -5.89 -18.54
CA CYS B 133 16.98 -7.18 -18.02
CA CYS B 133 16.98 -7.19 -18.05
C CYS B 133 17.67 -8.31 -18.77
N GLN B 134 17.81 -8.19 -20.09
CA GLN B 134 18.38 -9.27 -20.88
C GLN B 134 19.88 -9.08 -21.12
N ARG B 135 20.57 -8.36 -20.24
CA ARG B 135 22.03 -8.35 -20.16
C ARG B 135 22.68 -7.62 -21.32
N ALA B 136 21.95 -6.75 -22.00
CA ALA B 136 22.51 -5.99 -23.12
C ALA B 136 22.11 -4.53 -22.92
N PRO B 137 22.50 -3.95 -21.77
CA PRO B 137 22.02 -2.60 -21.42
C PRO B 137 22.46 -1.54 -22.42
N ARG B 138 21.60 -0.54 -22.55
CA ARG B 138 21.89 0.65 -23.35
C ARG B 138 21.84 1.82 -22.36
N LEU B 139 20.84 2.71 -22.45
CA LEU B 139 20.67 3.72 -21.41
C LEU B 139 19.91 3.11 -20.24
N ARG B 140 20.45 3.31 -19.01
CA ARG B 140 19.91 2.64 -17.83
C ARG B 140 19.25 3.61 -16.84
N PRO B 141 18.21 3.17 -16.14
CA PRO B 141 17.62 3.98 -15.09
C PRO B 141 18.68 4.59 -14.16
N CYS B 142 18.50 5.88 -13.87
CA CYS B 142 19.57 6.67 -13.27
C CYS B 142 19.87 6.25 -11.84
N THR B 143 18.84 6.07 -10.99
CA THR B 143 19.14 5.79 -9.59
C THR B 143 19.84 4.44 -9.43
N PRO B 144 19.37 3.33 -10.02
CA PRO B 144 20.11 2.06 -9.87
C PRO B 144 21.51 2.12 -10.45
N ARG B 145 21.66 2.76 -11.61
CA ARG B 145 22.99 2.83 -12.23
C ARG B 145 23.95 3.65 -11.38
N GLY B 146 23.46 4.73 -10.76
CA GLY B 146 24.28 5.50 -9.83
C GLY B 146 24.70 4.72 -8.61
N ILE B 147 23.84 3.81 -8.12
CA ILE B 147 24.22 2.96 -7.01
C ILE B 147 25.32 1.99 -7.41
N VAL B 148 25.23 1.40 -8.62
CA VAL B 148 26.28 0.51 -9.10
C VAL B 148 27.61 1.26 -9.19
N THR B 149 27.57 2.51 -9.65
CA THR B 149 28.76 3.34 -9.68
C THR B 149 29.36 3.52 -8.29
N LEU B 150 28.51 3.80 -7.29
CA LEU B 150 29.00 3.90 -5.92
C LEU B 150 29.76 2.65 -5.50
N LEU B 151 29.18 1.47 -5.75
CA LEU B 151 29.82 0.23 -5.34
C LEU B 151 31.16 0.04 -6.06
N GLU B 152 31.20 0.31 -7.38
CA GLU B 152 32.45 0.21 -8.14
C GLU B 152 33.49 1.20 -7.63
N ARG B 153 33.09 2.42 -7.31
CA ARG B 153 34.08 3.41 -6.92
C ARG B 153 34.63 3.12 -5.52
N TYR B 154 33.91 2.40 -4.67
CA TYR B 154 34.45 1.97 -3.39
C TYR B 154 35.07 0.57 -3.44
N ASN B 155 35.20 0.01 -4.64
CA ASN B 155 35.89 -1.27 -4.85
C ASN B 155 35.20 -2.41 -4.13
N ILE B 156 33.87 -2.38 -4.12
CA ILE B 156 33.05 -3.40 -3.50
C ILE B 156 32.81 -4.50 -4.51
N ASP B 157 33.33 -5.70 -4.23
CA ASP B 157 33.06 -6.89 -5.03
C ASP B 157 31.61 -7.31 -4.91
N THR B 158 30.91 -7.45 -6.04
CA THR B 158 29.48 -7.77 -5.96
C THR B 158 29.16 -9.23 -6.24
N PHE B 159 30.03 -9.97 -6.98
CA PHE B 159 29.70 -11.35 -7.36
C PHE B 159 29.50 -12.23 -6.12
N GLY B 160 28.31 -12.80 -5.99
CA GLY B 160 28.03 -13.69 -4.88
C GLY B 160 27.42 -13.04 -3.65
N LEU B 161 27.39 -11.71 -3.58
CA LEU B 161 26.75 -11.06 -2.43
C LEU B 161 25.27 -11.42 -2.41
N ASN B 162 24.74 -11.56 -1.21
CA ASN B 162 23.30 -11.70 -1.05
C ASN B 162 22.73 -10.31 -0.90
N ALA B 163 22.04 -9.84 -1.94
CA ALA B 163 21.52 -8.48 -2.00
C ALA B 163 20.00 -8.50 -1.82
N VAL B 164 19.51 -7.59 -1.00
CA VAL B 164 18.08 -7.46 -0.76
C VAL B 164 17.68 -6.04 -1.08
N VAL B 165 16.66 -5.90 -1.91
CA VAL B 165 16.08 -4.62 -2.25
C VAL B 165 14.76 -4.51 -1.50
N ILE B 166 14.55 -3.41 -0.80
CA ILE B 166 13.30 -3.16 -0.10
C ILE B 166 12.51 -2.14 -0.93
N GLY B 167 11.43 -2.58 -1.52
CA GLY B 167 10.61 -1.74 -2.38
C GLY B 167 10.76 -2.21 -3.83
N ALA B 168 9.64 -2.31 -4.55
CA ALA B 168 9.64 -2.84 -5.92
C ALA B 168 9.16 -1.79 -6.93
N SER B 169 9.49 -0.52 -6.70
CA SER B 169 9.03 0.53 -7.61
C SER B 169 9.62 0.37 -9.02
N ASN B 170 8.91 0.94 -9.99
CA ASN B 170 9.43 0.97 -11.35
C ASN B 170 10.65 1.87 -11.44
N ILE B 171 10.71 2.91 -10.62
CA ILE B 171 11.77 3.90 -10.73
C ILE B 171 13.06 3.39 -10.10
N VAL B 172 12.97 2.53 -9.09
CA VAL B 172 14.16 2.08 -8.34
C VAL B 172 14.18 0.55 -8.17
N GLY B 173 13.24 -0.01 -7.39
CA GLY B 173 13.41 -1.37 -6.93
C GLY B 173 13.53 -2.41 -8.03
N ARG B 174 12.62 -2.37 -9.01
CA ARG B 174 12.68 -3.35 -10.10
C ARG B 174 13.95 -3.23 -10.94
N PRO B 175 14.28 -2.08 -11.51
CA PRO B 175 15.57 -2.00 -12.25
C PRO B 175 16.79 -2.21 -11.37
N MET B 176 16.71 -1.89 -10.05
CA MET B 176 17.82 -2.19 -9.18
C MET B 176 18.10 -3.69 -9.17
N SER B 177 17.04 -4.51 -9.13
CA SER B 177 17.25 -5.95 -9.11
C SER B 177 17.96 -6.42 -10.37
N MET B 178 17.66 -5.81 -11.52
CA MET B 178 18.32 -6.25 -12.73
CA MET B 178 18.30 -6.18 -12.78
C MET B 178 19.76 -5.74 -12.80
N GLU B 179 20.06 -4.54 -12.26
CA GLU B 179 21.47 -4.11 -12.15
C GLU B 179 22.28 -5.03 -11.24
N LEU B 180 21.72 -5.40 -10.09
CA LEU B 180 22.40 -6.27 -9.14
C LEU B 180 22.61 -7.66 -9.71
N LEU B 181 21.65 -8.18 -10.47
CA LEU B 181 21.87 -9.45 -11.12
C LEU B 181 22.98 -9.36 -12.15
N LEU B 182 23.02 -8.25 -12.91
CA LEU B 182 24.09 -8.04 -13.87
C LEU B 182 25.44 -7.97 -13.16
N ALA B 183 25.47 -7.49 -11.93
CA ALA B 183 26.71 -7.43 -11.14
C ALA B 183 26.99 -8.71 -10.36
N GLY B 184 26.22 -9.76 -10.58
CA GLY B 184 26.51 -11.06 -10.00
C GLY B 184 26.00 -11.30 -8.60
N CYS B 185 25.15 -10.41 -8.06
CA CYS B 185 24.55 -10.61 -6.76
C CYS B 185 23.39 -11.59 -6.85
N THR B 186 23.22 -12.39 -5.80
CA THR B 186 21.95 -13.04 -5.53
C THR B 186 20.98 -11.96 -5.11
N THR B 187 19.79 -11.91 -5.72
CA THR B 187 18.93 -10.74 -5.59
C THR B 187 17.58 -11.14 -5.03
N THR B 188 17.13 -10.42 -4.03
CA THR B 188 15.78 -10.55 -3.46
C THR B 188 15.11 -9.20 -3.52
N VAL B 189 13.86 -9.16 -4.00
CA VAL B 189 13.07 -7.92 -4.00
C VAL B 189 11.89 -8.15 -3.06
N THR B 190 11.79 -7.29 -2.03
CA THR B 190 10.68 -7.28 -1.08
C THR B 190 9.78 -6.06 -1.35
N HIS B 191 8.56 -6.11 -0.82
CA HIS B 191 7.56 -5.11 -1.17
C HIS B 191 6.41 -5.25 -0.18
N ARG B 192 5.26 -4.66 -0.52
CA ARG B 192 4.18 -4.59 0.47
C ARG B 192 3.55 -5.95 0.78
N PHE B 193 3.75 -6.96 -0.08
CA PHE B 193 3.15 -8.27 0.22
C PHE B 193 4.11 -9.21 0.93
N THR B 194 5.34 -8.81 1.13
CA THR B 194 6.31 -9.68 1.75
C THR B 194 5.88 -10.03 3.16
N LYS B 195 5.97 -11.34 3.48
CA LYS B 195 5.89 -11.84 4.85
C LYS B 195 7.26 -11.66 5.48
N ASN B 196 7.31 -10.88 6.51
CA ASN B 196 8.48 -10.67 7.34
C ASN B 196 9.66 -10.06 6.61
N LEU B 197 9.71 -8.74 6.56
CA LEU B 197 10.85 -8.05 6.00
C LEU B 197 12.15 -8.38 6.72
N ARG B 198 12.12 -8.41 8.06
CA ARG B 198 13.35 -8.60 8.84
C ARG B 198 14.03 -9.90 8.48
N HIS B 199 13.29 -10.98 8.26
CA HIS B 199 14.00 -12.20 7.94
C HIS B 199 14.78 -12.07 6.64
N HIS B 200 14.33 -11.26 5.68
CA HIS B 200 15.13 -11.10 4.48
C HIS B 200 16.26 -10.11 4.73
N VAL B 201 15.97 -9.00 5.41
CA VAL B 201 16.97 -7.95 5.64
C VAL B 201 18.15 -8.49 6.44
N GLU B 202 17.85 -9.38 7.40
CA GLU B 202 18.84 -9.83 8.37
C GLU B 202 19.98 -10.60 7.75
N ASN B 203 19.74 -11.18 6.57
CA ASN B 203 20.74 -11.97 5.88
C ASN B 203 21.39 -11.24 4.73
N ALA B 204 21.11 -9.94 4.53
CA ALA B 204 21.59 -9.20 3.37
C ALA B 204 23.02 -8.71 3.58
N ASP B 205 23.93 -9.12 2.70
CA ASP B 205 25.24 -8.48 2.65
C ASP B 205 25.18 -7.08 2.05
N LEU B 206 24.18 -6.85 1.20
CA LEU B 206 24.03 -5.59 0.48
C LEU B 206 22.54 -5.27 0.53
N LEU B 207 22.19 -4.13 1.12
CA LEU B 207 20.81 -3.76 1.37
C LEU B 207 20.52 -2.47 0.64
N ILE B 208 19.53 -2.49 -0.25
CA ILE B 208 19.10 -1.29 -0.95
C ILE B 208 17.70 -0.94 -0.47
N VAL B 209 17.54 0.23 0.16
CA VAL B 209 16.28 0.62 0.77
C VAL B 209 15.65 1.73 -0.04
N ALA B 210 14.46 1.47 -0.59
CA ALA B 210 13.78 2.45 -1.43
C ALA B 210 12.28 2.40 -1.11
N VAL B 211 11.90 2.82 0.08
CA VAL B 211 10.51 2.79 0.51
C VAL B 211 9.88 4.17 0.67
N GLY B 212 10.69 5.23 0.77
CA GLY B 212 10.15 6.57 0.95
C GLY B 212 9.40 6.82 2.25
N PRO B 214 10.45 7.86 6.37
CA PRO B 214 11.60 8.25 7.18
C PRO B 214 11.85 7.28 8.32
N GLY B 215 13.07 6.78 8.42
CA GLY B 215 13.45 5.95 9.54
C GLY B 215 12.68 4.66 9.62
N PHE B 216 12.27 4.12 8.47
CA PHE B 216 11.49 2.91 8.46
C PHE B 216 12.33 1.69 8.83
N ILE B 217 13.58 1.62 8.39
CA ILE B 217 14.43 0.45 8.60
C ILE B 217 15.29 0.68 9.86
N PRO B 218 15.12 -0.11 10.90
CA PRO B 218 15.92 0.12 12.10
C PRO B 218 17.26 -0.57 12.01
N GLY B 219 18.22 -0.04 12.76
CA GLY B 219 19.56 -0.58 12.78
C GLY B 219 19.59 -2.05 13.14
N ASP B 220 18.69 -2.48 14.03
CA ASP B 220 18.73 -3.84 14.54
C ASP B 220 18.46 -4.88 13.48
N TRP B 221 17.79 -4.53 12.41
CA TRP B 221 17.53 -5.53 11.38
C TRP B 221 18.74 -5.81 10.51
N ILE B 222 19.73 -4.96 10.52
CA ILE B 222 20.81 -4.98 9.55
C ILE B 222 21.84 -6.04 9.94
N GLU B 224 25.33 -7.67 10.51
CA GLU B 224 26.63 -7.11 10.87
C GLU B 224 27.56 -7.19 9.66
N GLY B 225 28.15 -6.06 9.28
CA GLY B 225 29.01 -5.97 8.14
C GLY B 225 28.32 -5.64 6.85
N ALA B 226 27.01 -5.44 6.85
CA ALA B 226 26.28 -5.14 5.60
C ALA B 226 26.67 -3.79 5.00
N ILE B 227 26.53 -3.71 3.68
CA ILE B 227 26.59 -2.48 2.90
C ILE B 227 25.16 -1.96 2.75
N VAL B 228 24.93 -0.73 3.22
CA VAL B 228 23.58 -0.20 3.36
C VAL B 228 23.48 1.02 2.45
N ILE B 229 22.55 0.96 1.49
CA ILE B 229 22.32 2.00 0.48
C ILE B 229 20.90 2.51 0.71
N ASP B 230 20.79 3.80 1.04
CA ASP B 230 19.55 4.42 1.47
C ASP B 230 19.10 5.39 0.39
N VAL B 231 18.05 5.01 -0.36
CA VAL B 231 17.55 5.83 -1.46
C VAL B 231 16.54 6.88 -1.00
N GLY B 232 16.03 6.77 0.22
CA GLY B 232 15.02 7.71 0.70
C GLY B 232 15.55 9.14 0.78
N ILE B 233 14.68 10.09 0.40
CA ILE B 233 14.92 11.51 0.62
C ILE B 233 13.63 12.08 1.18
N ASN B 234 13.46 11.96 2.49
CA ASN B 234 12.18 12.26 3.13
C ASN B 234 12.25 13.62 3.81
N ARG B 235 11.42 14.55 3.36
CA ARG B 235 11.40 15.90 3.92
C ARG B 235 10.52 15.94 5.17
N LEU B 236 11.09 16.40 6.27
CA LEU B 236 10.39 16.45 7.54
C LEU B 236 9.77 17.84 7.77
N GLU B 237 8.74 17.88 8.60
CA GLU B 237 8.27 19.16 9.15
C GLU B 237 9.40 19.74 10.00
N ASN B 238 10.08 20.74 9.44
CA ASN B 238 11.24 21.42 10.01
C ASN B 238 12.31 21.56 8.94
N GLY B 239 11.96 21.17 7.70
CA GLY B 239 12.82 21.37 6.55
C GLY B 239 13.90 20.33 6.34
N LYS B 240 14.24 19.55 7.37
CA LYS B 240 15.32 18.58 7.25
C LYS B 240 14.91 17.42 6.34
N VAL B 241 15.93 16.76 5.80
CA VAL B 241 15.77 15.60 4.92
C VAL B 241 16.46 14.41 5.58
N VAL B 242 15.77 13.27 5.67
CA VAL B 242 16.34 12.07 6.26
C VAL B 242 16.07 10.87 5.36
N GLY B 243 16.80 9.80 5.62
CA GLY B 243 16.71 8.61 4.81
C GLY B 243 15.60 7.68 5.28
N ASP B 244 15.50 6.56 4.57
CA ASP B 244 14.61 5.47 4.92
C ASP B 244 15.18 4.59 6.02
N VAL B 245 16.47 4.75 6.34
CA VAL B 245 17.20 3.98 7.32
C VAL B 245 17.52 4.88 8.50
N VAL B 246 17.40 4.35 9.71
CA VAL B 246 17.85 5.07 10.91
C VAL B 246 19.37 5.03 10.95
N PHE B 247 20.01 6.13 10.56
CA PHE B 247 21.44 6.12 10.30
C PHE B 247 22.24 5.78 11.56
N GLU B 248 21.90 6.43 12.68
CA GLU B 248 22.69 6.24 13.90
C GLU B 248 22.75 4.77 14.33
N ASP B 249 21.64 4.03 14.19
CA ASP B 249 21.61 2.65 14.62
C ASP B 249 22.17 1.71 13.55
N ALA B 250 21.95 2.01 12.28
CA ALA B 250 22.50 1.15 11.22
C ALA B 250 24.02 1.28 11.16
N ALA B 251 24.54 2.48 11.40
CA ALA B 251 25.98 2.68 11.34
C ALA B 251 26.72 1.86 12.42
N LYS B 252 26.00 1.41 13.46
CA LYS B 252 26.63 0.57 14.49
C LYS B 252 26.96 -0.81 13.94
N ARG B 253 26.26 -1.25 12.90
CA ARG B 253 26.36 -2.62 12.41
C ARG B 253 26.89 -2.72 10.99
N ALA B 254 26.64 -1.73 10.17
CA ALA B 254 27.03 -1.76 8.77
C ALA B 254 28.54 -1.60 8.62
N SER B 255 29.07 -2.16 7.54
CA SER B 255 30.46 -1.87 7.16
C SER B 255 30.58 -0.56 6.39
N TYR B 256 29.60 -0.28 5.54
CA TYR B 256 29.50 0.93 4.74
C TYR B 256 28.04 1.37 4.72
N ILE B 257 27.81 2.69 4.69
CA ILE B 257 26.47 3.23 4.69
C ILE B 257 26.47 4.58 3.96
N THR B 258 25.44 4.78 3.16
CA THR B 258 25.21 6.09 2.54
C THR B 258 24.47 7.01 3.53
N PRO B 259 25.00 8.18 3.80
CA PRO B 259 24.21 9.18 4.53
C PRO B 259 23.12 9.77 3.66
N VAL B 260 22.13 10.38 4.32
CA VAL B 260 21.13 11.19 3.67
C VAL B 260 21.01 12.51 4.42
N PRO B 261 21.16 13.66 3.77
CA PRO B 261 21.50 13.86 2.35
C PRO B 261 22.93 13.47 2.04
N GLY B 262 23.35 13.53 0.77
CA GLY B 262 24.75 13.40 0.42
C GLY B 262 25.19 12.02 0.03
N GLY B 263 24.25 11.12 -0.24
CA GLY B 263 24.59 9.77 -0.62
C GLY B 263 24.11 9.44 -2.02
N VAL B 264 22.96 8.78 -2.12
CA VAL B 264 22.42 8.38 -3.41
C VAL B 264 21.92 9.59 -4.19
N GLY B 265 21.39 10.59 -3.50
CA GLY B 265 20.79 11.75 -4.14
C GLY B 265 21.63 12.34 -5.27
N PRO B 266 22.83 12.83 -4.94
CA PRO B 266 23.69 13.45 -5.96
C PRO B 266 24.11 12.50 -7.07
N MET B 267 24.18 11.18 -6.79
CA MET B 267 24.56 10.19 -7.81
C MET B 267 23.47 10.02 -8.87
N THR B 268 22.20 10.16 -8.50
CA THR B 268 21.11 10.06 -9.48
C THR B 268 21.24 11.15 -10.55
N VAL B 269 21.49 12.39 -10.13
CA VAL B 269 21.68 13.50 -11.06
C VAL B 269 22.95 13.30 -11.87
N ALA B 270 24.05 12.91 -11.21
CA ALA B 270 25.29 12.64 -11.93
C ALA B 270 25.10 11.58 -12.99
N THR B 271 24.25 10.57 -12.73
CA THR B 271 24.03 9.52 -13.72
C THR B 271 23.17 9.99 -14.88
N LEU B 272 22.23 10.90 -14.64
CA LEU B 272 21.52 11.52 -15.76
C LEU B 272 22.50 12.20 -16.69
N ILE B 273 23.45 12.93 -16.12
CA ILE B 273 24.46 13.63 -16.90
C ILE B 273 25.34 12.63 -17.67
N GLU B 274 25.78 11.57 -16.99
CA GLU B 274 26.58 10.53 -17.64
C GLU B 274 25.82 9.91 -18.80
N ASN B 275 24.55 9.57 -18.57
CA ASN B 275 23.72 9.00 -19.62
C ASN B 275 23.62 9.90 -20.84
N THR B 276 23.48 11.21 -20.62
CA THR B 276 23.36 12.16 -21.71
C THR B 276 24.66 12.21 -22.52
N LEU B 277 25.81 12.20 -21.85
CA LEU B 277 27.07 12.12 -22.57
C LEU B 277 27.17 10.80 -23.34
N GLN B 278 26.75 9.70 -22.73
CA GLN B 278 26.81 8.39 -23.38
C GLN B 278 25.95 8.38 -24.66
N ALA B 279 24.74 8.92 -24.58
CA ALA B 279 23.88 9.03 -25.76
C ALA B 279 24.56 9.86 -26.85
N CYS B 280 25.18 10.97 -26.47
CA CYS B 280 25.85 11.81 -27.46
C CYS B 280 27.01 11.07 -28.10
N VAL B 281 27.87 10.45 -27.28
CA VAL B 281 29.13 9.88 -27.74
C VAL B 281 28.92 8.54 -28.43
N GLU B 282 28.07 7.68 -27.88
CA GLU B 282 27.93 6.32 -28.43
C GLU B 282 26.84 6.19 -29.47
N TYR B 283 25.74 6.93 -29.34
CA TYR B 283 24.56 6.69 -30.15
C TYR B 283 24.30 7.74 -31.22
N HIS B 284 24.87 8.94 -31.11
CA HIS B 284 24.45 10.02 -32.00
C HIS B 284 25.63 10.61 -32.78
N ASP B 285 26.66 11.08 -32.08
CA ASP B 285 27.80 11.75 -32.70
C ASP B 285 29.09 10.97 -32.42
N PRO B 286 29.16 9.69 -32.83
CA PRO B 286 30.32 8.84 -32.52
C PRO B 286 31.58 9.26 -33.28
N ALA C 3 10.99 -20.52 22.83
CA ALA C 3 11.69 -19.89 21.72
C ALA C 3 11.25 -18.43 21.52
N ALA C 4 10.07 -18.03 22.01
CA ALA C 4 9.64 -16.65 21.79
C ALA C 4 10.57 -15.63 22.45
N ILE C 6 10.96 -12.20 24.52
CA ILE C 6 10.14 -11.57 25.55
C ILE C 6 10.01 -10.08 25.27
N ILE C 7 8.79 -9.57 25.29
CA ILE C 7 8.57 -8.13 25.20
C ILE C 7 8.56 -7.64 26.64
N ASP C 8 9.67 -7.01 27.05
CA ASP C 8 9.94 -6.70 28.46
C ASP C 8 9.46 -5.28 28.75
N GLY C 9 8.23 -5.21 29.27
CA GLY C 9 7.61 -3.95 29.58
C GLY C 9 8.31 -3.15 30.65
N LYS C 10 8.94 -3.81 31.62
CA LYS C 10 9.65 -3.09 32.66
C LYS C 10 10.81 -2.32 32.04
N THR C 11 11.51 -2.96 31.10
CA THR C 11 12.65 -2.33 30.46
C THR C 11 12.19 -1.17 29.57
N ILE C 12 11.12 -1.35 28.80
CA ILE C 12 10.68 -0.27 27.92
C ILE C 12 10.13 0.89 28.74
N ALA C 13 9.36 0.57 29.79
CA ALA C 13 8.81 1.63 30.65
C ALA C 13 9.93 2.46 31.27
N GLN C 14 11.02 1.81 31.66
CA GLN C 14 12.17 2.53 32.20
C GLN C 14 12.80 3.46 31.15
N GLN C 15 12.83 3.04 29.89
CA GLN C 15 13.32 3.93 28.84
C GLN C 15 12.46 5.19 28.76
N VAL C 16 11.14 5.00 28.77
CA VAL C 16 10.23 6.13 28.64
C VAL C 16 10.38 7.06 29.85
N ARG C 17 10.43 6.49 31.06
CA ARG C 17 10.59 7.34 32.25
C ARG C 17 11.91 8.11 32.20
N SER C 18 12.99 7.46 31.80
CA SER C 18 14.28 8.14 31.68
C SER C 18 14.21 9.32 30.71
N GLU C 19 13.58 9.11 29.55
CA GLU C 19 13.44 10.18 28.55
C GLU C 19 12.60 11.33 29.09
N VAL C 20 11.48 11.03 29.74
CA VAL C 20 10.65 12.08 30.32
C VAL C 20 11.43 12.87 31.38
N ALA C 21 12.08 12.15 32.30
CA ALA C 21 12.83 12.81 33.37
C ALA C 21 13.85 13.77 32.77
N GLN C 22 14.51 13.35 31.70
CA GLN C 22 15.54 14.19 31.10
C GLN C 22 14.94 15.46 30.52
N LYS C 23 13.78 15.36 29.87
CA LYS C 23 13.14 16.54 29.32
C LYS C 23 12.70 17.49 30.43
N VAL C 24 12.22 16.95 31.56
CA VAL C 24 11.83 17.80 32.69
C VAL C 24 13.05 18.57 33.21
N GLN C 25 14.15 17.88 33.43
CA GLN C 25 15.38 18.53 33.88
C GLN C 25 15.81 19.63 32.92
N ALA C 26 15.69 19.40 31.61
CA ALA C 26 16.11 20.42 30.66
C ALA C 26 15.20 21.64 30.71
N ARG C 27 13.89 21.43 30.89
CA ARG C 27 12.99 22.56 31.08
C ARG C 27 13.38 23.35 32.32
N ILE C 28 13.62 22.64 33.43
CA ILE C 28 13.98 23.33 34.66
C ILE C 28 15.27 24.13 34.48
N ALA C 29 16.26 23.54 33.80
CA ALA C 29 17.53 24.24 33.58
C ALA C 29 17.33 25.52 32.76
N ALA C 30 16.33 25.54 31.89
CA ALA C 30 15.98 26.69 31.07
C ALA C 30 14.98 27.63 31.76
N GLY C 31 14.76 27.47 33.06
CA GLY C 31 13.85 28.35 33.77
C GLY C 31 12.37 28.13 33.54
N LEU C 32 11.97 26.96 33.05
CA LEU C 32 10.57 26.65 32.82
C LEU C 32 10.03 25.76 33.95
N ARG C 33 8.71 25.78 34.12
CA ARG C 33 8.11 24.97 35.17
C ARG C 33 8.11 23.48 34.81
N ALA C 34 8.08 22.64 35.84
CA ALA C 34 7.86 21.22 35.64
C ALA C 34 6.38 20.94 35.33
N PRO C 35 6.10 19.85 34.59
CA PRO C 35 4.68 19.49 34.37
C PRO C 35 3.99 19.22 35.70
N GLY C 36 2.67 19.44 35.71
CA GLY C 36 1.88 19.29 36.93
C GLY C 36 0.71 18.35 36.67
N LEU C 37 0.52 17.40 37.58
CA LEU C 37 -0.58 16.45 37.50
C LEU C 37 -1.51 16.67 38.69
N ALA C 38 -2.82 16.77 38.44
CA ALA C 38 -3.84 16.83 39.49
C ALA C 38 -4.65 15.56 39.45
N VAL C 39 -4.83 14.94 40.61
CA VAL C 39 -5.64 13.73 40.77
C VAL C 39 -6.82 14.08 41.67
N VAL C 40 -8.02 13.73 41.24
CA VAL C 40 -9.24 14.03 41.99
C VAL C 40 -9.85 12.70 42.42
N LEU C 41 -10.04 12.54 43.71
CA LEU C 41 -10.69 11.36 44.29
C LEU C 41 -11.91 11.83 45.06
N VAL C 42 -13.02 11.11 44.96
CA VAL C 42 -14.22 11.49 45.71
C VAL C 42 -14.72 10.28 46.46
N GLY C 43 -14.63 10.32 47.79
CA GLY C 43 -15.15 9.28 48.63
C GLY C 43 -14.36 8.00 48.64
N SER C 44 -13.11 8.03 48.17
CA SER C 44 -12.25 6.87 48.17
C SER C 44 -11.68 6.63 49.56
N ASN C 45 -11.12 5.44 49.75
CA ASN C 45 -10.34 5.12 50.94
C ASN C 45 -9.03 4.47 50.52
N PRO C 46 -8.07 4.36 51.44
CA PRO C 46 -6.74 3.90 51.02
C PRO C 46 -6.76 2.59 50.26
N ALA C 47 -7.68 1.66 50.58
CA ALA C 47 -7.75 0.38 49.87
C ALA C 47 -8.18 0.54 48.40
N SER C 48 -8.96 1.56 48.08
CA SER C 48 -9.54 1.66 46.74
C SER C 48 -8.74 2.57 45.80
N GLN C 49 -7.64 3.14 46.26
CA GLN C 49 -6.88 4.12 45.49
C GLN C 49 -5.45 3.66 45.20
N ILE C 50 -5.13 2.38 45.48
CA ILE C 50 -3.74 1.88 45.34
C ILE C 50 -3.21 2.23 43.96
N TYR C 51 -3.91 1.75 42.92
CA TYR C 51 -3.44 1.91 41.55
C TYR C 51 -3.19 3.38 41.24
N VAL C 52 -4.14 4.23 41.62
CA VAL C 52 -4.03 5.61 41.22
C VAL C 52 -2.90 6.28 42.00
N ALA C 53 -2.68 5.91 43.25
CA ALA C 53 -1.50 6.39 44.00
C ALA C 53 -0.18 5.93 43.37
N SER C 54 -0.17 4.78 42.70
CA SER C 54 1.02 4.37 41.94
C SER C 54 1.31 5.34 40.82
N LYS C 55 0.31 5.60 39.98
CA LYS C 55 0.45 6.57 38.89
C LYS C 55 1.01 7.88 39.41
N ARG C 56 0.48 8.33 40.55
CA ARG C 56 0.96 9.55 41.19
C ARG C 56 2.42 9.44 41.58
N LYS C 57 2.78 8.39 42.33
CA LYS C 57 4.18 8.10 42.70
C LYS C 57 5.13 8.10 41.49
N ALA C 58 4.68 7.56 40.37
CA ALA C 58 5.52 7.53 39.18
C ALA C 58 5.77 8.94 38.66
N CYS C 59 4.75 9.79 38.77
N CYS C 59 4.76 9.79 38.79
CA CYS C 59 4.87 11.15 38.27
CA CYS C 59 4.88 11.14 38.26
C CYS C 59 5.80 11.99 39.14
C CYS C 59 5.78 12.01 39.14
N GLU C 60 5.69 11.87 40.46
CA GLU C 60 6.64 12.58 41.30
C GLU C 60 8.06 12.08 41.08
N GLU C 61 8.24 10.82 40.65
CA GLU C 61 9.59 10.28 40.47
C GLU C 61 10.31 10.75 39.19
N VAL C 62 9.59 11.20 38.14
CA VAL C 62 10.24 11.86 37.02
C VAL C 62 10.35 13.39 37.20
N GLY C 63 9.99 13.92 38.36
CA GLY C 63 10.10 15.35 38.63
C GLY C 63 8.88 16.20 38.34
N PHE C 64 7.70 15.60 38.20
CA PHE C 64 6.46 16.36 38.06
C PHE C 64 6.02 16.91 39.43
N VAL C 65 5.27 18.01 39.40
CA VAL C 65 4.48 18.45 40.55
C VAL C 65 3.21 17.61 40.59
N SER C 66 2.83 17.12 41.76
CA SER C 66 1.56 16.41 41.88
C SER C 66 0.69 17.06 42.94
N ARG C 67 -0.62 17.10 42.68
CA ARG C 67 -1.64 17.56 43.59
C ARG C 67 -2.68 16.46 43.68
N SER C 68 -3.17 16.20 44.89
CA SER C 68 -4.23 15.21 45.11
C SER C 68 -5.34 15.89 45.88
N TYR C 69 -6.52 15.89 45.32
CA TYR C 69 -7.74 16.39 45.95
C TYR C 69 -8.54 15.19 46.41
N ASP C 70 -8.67 15.02 47.71
CA ASP C 70 -9.36 13.89 48.29
C ASP C 70 -10.62 14.49 48.88
N LEU C 71 -11.70 14.34 48.18
CA LEU C 71 -12.94 15.01 48.49
C LEU C 71 -13.90 14.03 49.18
N PRO C 72 -14.75 14.51 50.09
CA PRO C 72 -15.65 13.60 50.81
C PRO C 72 -16.83 13.18 49.94
N GLU C 73 -17.45 12.08 50.38
CA GLU C 73 -18.60 11.50 49.69
C GLU C 73 -19.80 12.44 49.64
N THR C 74 -19.83 13.49 50.46
CA THR C 74 -20.88 14.52 50.44
C THR C 74 -20.71 15.53 49.29
N THR C 75 -19.60 15.48 48.56
CA THR C 75 -19.37 16.41 47.46
C THR C 75 -20.45 16.28 46.38
N SER C 76 -21.04 17.39 45.99
CA SER C 76 -22.06 17.38 44.96
C SER C 76 -21.47 17.36 43.55
N GLU C 77 -22.29 16.95 42.57
CA GLU C 77 -21.90 17.06 41.17
C GLU C 77 -21.47 18.48 40.82
N ALA C 78 -22.25 19.48 41.24
CA ALA C 78 -21.91 20.87 40.92
C ALA C 78 -20.53 21.24 41.46
N GLU C 79 -20.24 20.83 42.70
CA GLU C 79 -18.94 21.17 43.31
C GLU C 79 -17.80 20.47 42.58
N LEU C 80 -18.03 19.24 42.13
CA LEU C 80 -16.98 18.53 41.41
C LEU C 80 -16.71 19.19 40.05
N LEU C 81 -17.78 19.56 39.34
CA LEU C 81 -17.60 20.24 38.05
C LEU C 81 -16.88 21.58 38.23
N GLU C 82 -17.18 22.28 39.33
CA GLU C 82 -16.50 23.56 39.59
C GLU C 82 -15.01 23.36 39.83
N LEU C 83 -14.63 22.29 40.54
CA LEU C 83 -13.21 21.97 40.71
C LEU C 83 -12.56 21.65 39.35
N ILE C 84 -13.22 20.85 38.53
CA ILE C 84 -12.66 20.54 37.21
C ILE C 84 -12.49 21.82 36.39
N ASP C 85 -13.47 22.73 36.47
CA ASP C 85 -13.32 24.03 35.80
C ASP C 85 -12.10 24.79 36.31
N THR C 86 -11.89 24.80 37.62
CA THR C 86 -10.73 25.47 38.23
C THR C 86 -9.43 24.87 37.72
N LEU C 87 -9.35 23.54 37.68
CA LEU C 87 -8.15 22.88 37.19
C LEU C 87 -7.97 23.10 35.68
N ASN C 88 -9.06 23.10 34.91
CA ASN C 88 -8.95 23.44 33.49
C ASN C 88 -8.33 24.83 33.28
N ALA C 89 -8.58 25.76 34.18
CA ALA C 89 -8.08 27.12 34.02
C ALA C 89 -6.72 27.33 34.69
N ASP C 90 -6.19 26.33 35.40
CA ASP C 90 -4.98 26.48 36.19
C ASP C 90 -3.79 26.19 35.29
N ASN C 91 -3.01 27.22 34.97
CA ASN C 91 -1.94 27.09 33.99
C ASN C 91 -0.75 26.29 34.50
N THR C 92 -0.71 25.90 35.77
CA THR C 92 0.34 25.04 36.27
C THR C 92 -0.04 23.57 36.23
N ILE C 93 -1.25 23.25 35.82
CA ILE C 93 -1.72 21.88 35.77
C ILE C 93 -1.79 21.48 34.30
N ASP C 94 -1.11 20.39 33.97
CA ASP C 94 -1.11 19.86 32.62
C ASP C 94 -1.99 18.63 32.45
N GLY C 95 -2.18 17.85 33.49
CA GLY C 95 -2.99 16.65 33.42
C GLY C 95 -3.96 16.62 34.58
N ILE C 96 -5.19 16.21 34.28
CA ILE C 96 -6.23 15.98 35.29
C ILE C 96 -6.65 14.53 35.20
N LEU C 97 -6.62 13.83 36.33
CA LEU C 97 -7.14 12.47 36.48
C LEU C 97 -8.30 12.48 37.47
N VAL C 98 -9.43 11.89 37.08
CA VAL C 98 -10.56 11.72 38.01
C VAL C 98 -10.75 10.23 38.28
N HIS C 99 -10.59 9.85 39.54
CA HIS C 99 -10.69 8.45 39.98
C HIS C 99 -12.16 8.04 40.02
N LEU C 100 -12.41 6.84 39.64
CA LEU C 100 -13.74 6.25 39.74
C LEU C 100 -13.72 5.09 40.74
N PRO C 101 -14.86 4.78 41.39
CA PRO C 101 -16.18 5.41 41.25
C PRO C 101 -16.36 6.77 41.93
N LEU C 102 -17.33 7.52 41.42
CA LEU C 102 -17.86 8.73 42.01
C LEU C 102 -19.11 8.43 42.80
N PRO C 103 -19.50 9.29 43.75
CA PRO C 103 -20.69 9.00 44.56
C PRO C 103 -21.90 8.71 43.70
N ALA C 104 -22.73 7.81 44.21
CA ALA C 104 -24.00 7.52 43.58
C ALA C 104 -24.72 8.82 43.31
N GLY C 105 -25.26 8.95 42.11
CA GLY C 105 -26.02 10.12 41.75
C GLY C 105 -25.24 11.16 40.98
N ILE C 106 -23.92 11.08 40.98
CA ILE C 106 -23.10 11.94 40.14
C ILE C 106 -23.04 11.34 38.74
N ASP C 107 -23.24 12.17 37.71
CA ASP C 107 -23.16 11.74 36.31
C ASP C 107 -21.69 11.66 35.91
N ASN C 108 -21.13 10.44 35.88
CA ASN C 108 -19.71 10.25 35.57
C ASN C 108 -19.34 10.81 34.21
N VAL C 109 -20.24 10.65 33.23
CA VAL C 109 -19.92 11.10 31.87
C VAL C 109 -19.80 12.61 31.84
N LYS C 110 -20.72 13.32 32.49
CA LYS C 110 -20.66 14.77 32.51
C LYS C 110 -19.36 15.24 33.17
N VAL C 111 -18.96 14.59 34.26
CA VAL C 111 -17.74 15.00 34.96
C VAL C 111 -16.50 14.72 34.11
N LEU C 112 -16.35 13.49 33.63
CA LEU C 112 -15.17 13.16 32.83
C LEU C 112 -15.10 13.97 31.53
N GLU C 113 -16.25 14.26 30.88
CA GLU C 113 -16.20 15.07 29.67
C GLU C 113 -15.94 16.55 29.94
N ARG C 114 -16.03 16.99 31.21
CA ARG C 114 -15.74 18.37 31.54
C ARG C 114 -14.24 18.65 31.49
N ILE C 115 -13.42 17.62 31.69
CA ILE C 115 -11.98 17.79 31.58
C ILE C 115 -11.64 18.31 30.18
N HIS C 116 -10.86 19.39 30.10
CA HIS C 116 -10.41 19.85 28.78
C HIS C 116 -9.62 18.72 28.09
N PRO C 117 -9.87 18.43 26.82
CA PRO C 117 -9.13 17.31 26.21
C PRO C 117 -7.63 17.46 26.26
N ASP C 118 -7.08 18.67 26.26
CA ASP C 118 -5.63 18.83 26.31
C ASP C 118 -5.05 18.66 27.71
N LYS C 119 -5.90 18.42 28.72
CA LYS C 119 -5.46 17.99 30.05
C LYS C 119 -5.90 16.56 30.37
N ASP C 120 -6.56 15.88 29.43
CA ASP C 120 -7.09 14.52 29.65
C ASP C 120 -5.98 13.50 29.39
N VAL C 121 -5.08 13.37 30.36
CA VAL C 121 -3.90 12.53 30.18
C VAL C 121 -4.21 11.04 30.23
N ASP C 122 -5.39 10.63 30.70
CA ASP C 122 -5.81 9.23 30.56
C ASP C 122 -6.18 8.92 29.13
N GLY C 123 -6.64 9.93 28.37
CA GLY C 123 -6.82 9.80 26.93
C GLY C 123 -8.20 9.40 26.48
N PHE C 124 -9.15 9.24 27.39
CA PHE C 124 -10.43 8.63 27.02
C PHE C 124 -11.55 9.63 26.80
N HIS C 125 -11.28 10.91 26.86
CA HIS C 125 -12.28 11.89 26.44
C HIS C 125 -12.69 11.58 24.99
N PRO C 126 -13.99 11.58 24.66
CA PRO C 126 -14.39 11.27 23.27
C PRO C 126 -13.68 12.14 22.24
N TYR C 127 -13.35 13.39 22.58
CA TYR C 127 -12.59 14.24 21.64
C TYR C 127 -11.24 13.60 21.31
N ASN C 128 -10.56 13.07 22.32
CA ASN C 128 -9.26 12.46 22.11
C ASN C 128 -9.38 11.13 21.38
N VAL C 129 -10.40 10.35 21.72
CA VAL C 129 -10.61 9.10 21.00
C VAL C 129 -10.89 9.41 19.53
N GLY C 130 -11.73 10.43 19.27
CA GLY C 130 -12.08 10.72 17.89
C GLY C 130 -10.91 11.28 17.08
N ARG C 131 -10.07 12.10 17.71
CA ARG C 131 -8.85 12.57 17.04
C ARG C 131 -7.96 11.39 16.65
N LEU C 132 -7.82 10.39 17.53
CA LEU C 132 -7.11 9.17 17.19
C LEU C 132 -7.76 8.47 16.00
N CYS C 133 -9.09 8.32 16.05
CA CYS C 133 -9.83 7.70 14.95
C CYS C 133 -9.57 8.41 13.62
N GLN C 134 -9.46 9.74 13.65
CA GLN C 134 -9.29 10.58 12.47
C GLN C 134 -7.85 10.75 12.03
N ARG C 135 -6.93 9.95 12.58
CA ARG C 135 -5.52 9.91 12.18
C ARG C 135 -4.78 11.18 12.55
N ALA C 136 -5.26 11.89 13.56
CA ALA C 136 -4.65 13.14 14.01
C ALA C 136 -4.63 13.14 15.53
N PRO C 137 -3.96 12.17 16.13
CA PRO C 137 -4.09 12.00 17.59
C PRO C 137 -3.51 13.17 18.36
N ARG C 138 -4.06 13.36 19.54
CA ARG C 138 -3.51 14.30 20.49
C ARG C 138 -3.11 13.48 21.70
N LEU C 139 -3.70 13.67 22.89
CA LEU C 139 -3.42 12.76 23.99
C LEU C 139 -4.16 11.45 23.76
N ARG C 140 -3.49 10.33 24.03
CA ARG C 140 -3.96 9.03 23.56
C ARG C 140 -4.28 8.12 24.75
N PRO C 141 -5.31 7.28 24.64
CA PRO C 141 -5.57 6.29 25.67
C PRO C 141 -4.32 5.49 26.04
N CYS C 142 -4.08 5.39 27.37
CA CYS C 142 -2.75 5.01 27.86
C CYS C 142 -2.38 3.59 27.47
N THR C 143 -3.26 2.60 27.72
CA THR C 143 -2.85 1.22 27.52
C THR C 143 -2.65 0.90 26.03
N PRO C 144 -3.56 1.29 25.12
CA PRO C 144 -3.31 1.02 23.68
C PRO C 144 -2.10 1.72 23.17
N ARG C 145 -1.88 2.98 23.56
CA ARG C 145 -0.67 3.68 23.10
C ARG C 145 0.59 3.02 23.65
N GLY C 146 0.57 2.58 24.91
CA GLY C 146 1.70 1.85 25.46
C GLY C 146 2.04 0.58 24.69
N ILE C 147 1.04 -0.13 24.22
CA ILE C 147 1.26 -1.33 23.40
C ILE C 147 1.93 -0.98 22.09
N VAL C 148 1.49 0.10 21.45
CA VAL C 148 2.15 0.56 20.23
C VAL C 148 3.60 0.91 20.51
N THR C 149 3.86 1.54 21.65
CA THR C 149 5.24 1.85 22.04
C THR C 149 6.08 0.57 22.16
N LEU C 150 5.51 -0.51 22.71
CA LEU C 150 6.25 -1.78 22.83
C LEU C 150 6.65 -2.28 21.46
N LEU C 151 5.73 -2.24 20.52
CA LEU C 151 6.00 -2.72 19.17
C LEU C 151 7.10 -1.91 18.49
N GLU C 152 7.04 -0.58 18.64
CA GLU C 152 8.06 0.33 18.12
C GLU C 152 9.45 0.06 18.72
N ARG C 153 9.53 -0.05 20.05
CA ARG C 153 10.83 -0.20 20.70
C ARG C 153 11.45 -1.57 20.42
N TYR C 154 10.66 -2.58 20.09
CA TYR C 154 11.16 -3.88 19.68
C TYR C 154 11.32 -3.99 18.15
N ASN C 155 11.13 -2.87 17.44
CA ASN C 155 11.36 -2.79 15.99
C ASN C 155 10.56 -3.85 15.28
N ILE C 156 9.29 -3.94 15.66
CA ILE C 156 8.33 -4.79 14.99
C ILE C 156 7.60 -3.97 13.93
N ASP C 157 7.71 -4.38 12.67
CA ASP C 157 7.00 -3.74 11.57
C ASP C 157 5.51 -4.04 11.70
N THR C 158 4.67 -3.01 11.78
CA THR C 158 3.23 -3.17 11.94
C THR C 158 2.46 -3.08 10.63
N PHE C 159 3.03 -2.44 9.61
CA PHE C 159 2.31 -2.20 8.36
C PHE C 159 2.02 -3.51 7.65
N GLY C 160 0.74 -3.82 7.50
CA GLY C 160 0.29 -5.01 6.80
C GLY C 160 0.15 -6.23 7.69
N LEU C 161 0.48 -6.13 8.96
CA LEU C 161 0.20 -7.24 9.86
C LEU C 161 -1.30 -7.45 9.93
N ASN C 162 -1.70 -8.70 10.00
CA ASN C 162 -3.07 -9.07 10.32
C ASN C 162 -3.19 -9.14 11.85
N ALA C 163 -3.84 -8.14 12.43
CA ALA C 163 -3.97 -7.98 13.87
C ALA C 163 -5.37 -8.35 14.30
N VAL C 164 -5.46 -9.11 15.37
CA VAL C 164 -6.74 -9.47 15.95
C VAL C 164 -6.75 -9.00 17.39
N VAL C 165 -7.79 -8.25 17.75
CA VAL C 165 -8.06 -7.80 19.12
C VAL C 165 -9.22 -8.63 19.66
N ILE C 166 -9.04 -9.25 20.82
CA ILE C 166 -10.11 -9.95 21.51
C ILE C 166 -10.45 -9.14 22.74
N GLY C 167 -11.69 -8.67 22.79
CA GLY C 167 -12.19 -7.82 23.86
C GLY C 167 -12.49 -6.48 23.22
N ALA C 168 -13.74 -6.12 23.05
CA ALA C 168 -14.10 -4.87 22.38
C ALA C 168 -14.49 -3.79 23.40
N SER C 169 -13.70 -3.64 24.46
CA SER C 169 -14.01 -2.75 25.57
C SER C 169 -13.71 -1.31 25.20
N ASN C 170 -14.42 -0.38 25.83
CA ASN C 170 -14.05 1.03 25.68
C ASN C 170 -12.67 1.29 26.24
N ILE C 171 -12.26 0.54 27.26
CA ILE C 171 -11.01 0.85 27.96
C ILE C 171 -9.79 0.37 27.18
N VAL C 172 -9.92 -0.63 26.31
CA VAL C 172 -8.75 -1.18 25.63
C VAL C 172 -9.07 -1.47 24.17
N GLY C 173 -10.03 -2.36 23.90
CA GLY C 173 -10.16 -2.96 22.57
C GLY C 173 -10.54 -1.97 21.49
N ARG C 174 -11.50 -1.10 21.79
CA ARG C 174 -11.96 -0.15 20.78
C ARG C 174 -10.88 0.85 20.43
N PRO C 175 -10.34 1.63 21.37
CA PRO C 175 -9.22 2.50 20.97
C PRO C 175 -8.04 1.69 20.43
N MET C 176 -7.85 0.45 20.90
CA MET C 176 -6.72 -0.34 20.42
C MET C 176 -6.85 -0.57 18.91
N SER C 177 -8.06 -0.84 18.44
CA SER C 177 -8.26 -1.07 17.00
C SER C 177 -7.89 0.18 16.17
N MET C 178 -8.16 1.37 16.71
CA MET C 178 -7.80 2.60 16.01
C MET C 178 -6.30 2.90 16.07
N GLU C 179 -5.62 2.56 17.17
CA GLU C 179 -4.15 2.62 17.16
C GLU C 179 -3.58 1.68 16.12
N LEU C 180 -4.11 0.44 16.06
CA LEU C 180 -3.60 -0.54 15.12
C LEU C 180 -3.78 -0.06 13.69
N LEU C 181 -4.96 0.51 13.38
CA LEU C 181 -5.17 1.01 12.03
C LEU C 181 -4.21 2.16 11.73
N LEU C 182 -3.99 3.04 12.71
CA LEU C 182 -3.03 4.11 12.53
C LEU C 182 -1.62 3.55 12.28
N ALA C 183 -1.29 2.40 12.84
CA ALA C 183 0.01 1.76 12.65
C ALA C 183 0.05 0.87 11.39
N GLY C 184 -0.99 0.89 10.58
CA GLY C 184 -0.98 0.19 9.31
C GLY C 184 -1.41 -1.26 9.36
N CYS C 185 -1.95 -1.74 10.49
CA CYS C 185 -2.39 -3.12 10.59
C CYS C 185 -3.74 -3.29 9.91
N THR C 186 -3.92 -4.47 9.29
CA THR C 186 -5.25 -4.97 8.99
C THR C 186 -5.89 -5.39 10.30
N THR C 187 -7.05 -4.84 10.67
CA THR C 187 -7.49 -4.87 12.06
C THR C 187 -8.86 -5.55 12.18
N THR C 188 -8.89 -6.63 12.96
CA THR C 188 -10.11 -7.38 13.28
C THR C 188 -10.43 -7.23 14.76
N VAL C 189 -11.69 -6.94 15.08
CA VAL C 189 -12.15 -6.79 16.46
C VAL C 189 -13.16 -7.89 16.75
N THR C 190 -12.84 -8.72 17.75
CA THR C 190 -13.63 -9.87 18.17
C THR C 190 -13.91 -9.73 19.67
N HIS C 191 -14.70 -10.63 20.20
CA HIS C 191 -14.81 -10.72 21.65
C HIS C 191 -14.84 -12.18 22.06
N ARG C 192 -14.95 -12.40 23.37
CA ARG C 192 -14.82 -13.72 23.94
C ARG C 192 -15.74 -14.75 23.28
N PHE C 193 -16.93 -14.34 22.86
CA PHE C 193 -17.94 -15.29 22.40
C PHE C 193 -18.18 -15.22 20.90
N THR C 194 -17.29 -14.56 20.16
CA THR C 194 -17.37 -14.49 18.71
C THR C 194 -17.39 -15.89 18.09
N LYS C 195 -18.25 -16.08 17.08
CA LYS C 195 -18.29 -17.34 16.33
C LYS C 195 -16.92 -17.64 15.72
N ASN C 196 -16.47 -18.88 15.85
CA ASN C 196 -15.21 -19.31 15.25
C ASN C 196 -14.04 -18.42 15.67
N LEU C 197 -14.05 -18.00 16.94
CA LEU C 197 -12.95 -17.18 17.44
C LEU C 197 -11.60 -17.80 17.14
N ARG C 198 -11.46 -19.12 17.33
CA ARG C 198 -10.16 -19.75 17.10
C ARG C 198 -9.67 -19.55 15.67
N HIS C 199 -10.58 -19.55 14.70
CA HIS C 199 -10.19 -19.33 13.31
C HIS C 199 -9.59 -17.94 13.15
N HIS C 200 -10.20 -16.94 13.76
CA HIS C 200 -9.62 -15.59 13.75
C HIS C 200 -8.24 -15.57 14.40
N VAL C 201 -8.13 -16.16 15.59
CA VAL C 201 -6.87 -16.17 16.35
C VAL C 201 -5.78 -16.89 15.59
N GLU C 202 -6.08 -18.03 14.96
CA GLU C 202 -5.00 -18.81 14.36
C GLU C 202 -4.47 -18.15 13.08
N ASN C 203 -5.15 -17.15 12.55
CA ASN C 203 -4.66 -16.42 11.40
C ASN C 203 -4.08 -15.05 11.76
N ALA C 204 -3.95 -14.73 13.06
CA ALA C 204 -3.47 -13.42 13.51
C ALA C 204 -1.93 -13.40 13.56
N ASP C 205 -1.34 -12.43 12.83
CA ASP C 205 0.09 -12.14 12.97
C ASP C 205 0.39 -11.42 14.29
N LEU C 206 -0.60 -10.70 14.80
CA LEU C 206 -0.46 -9.86 15.97
C LEU C 206 -1.77 -10.04 16.73
N LEU C 207 -1.66 -10.52 17.95
CA LEU C 207 -2.81 -10.87 18.76
C LEU C 207 -2.81 -10.02 20.03
N ILE C 208 -3.87 -9.26 20.24
CA ILE C 208 -4.00 -8.46 21.44
C ILE C 208 -5.20 -9.01 22.21
N VAL C 209 -4.93 -9.57 23.39
CA VAL C 209 -5.94 -10.28 24.18
C VAL C 209 -6.23 -9.46 25.42
N ALA C 210 -7.49 -9.06 25.56
CA ALA C 210 -7.90 -8.18 26.64
C ALA C 210 -9.27 -8.60 27.11
N VAL C 211 -9.39 -9.86 27.54
CA VAL C 211 -10.67 -10.40 27.99
C VAL C 211 -10.76 -10.53 29.52
N GLY C 212 -9.65 -10.56 30.23
CA GLY C 212 -9.66 -10.68 31.68
C GLY C 212 -10.18 -12.01 32.19
N LYS C 213 -9.65 -13.09 31.62
CA LYS C 213 -10.01 -14.44 32.02
C LYS C 213 -8.74 -15.30 31.93
N PRO C 214 -8.24 -15.80 33.05
CA PRO C 214 -6.96 -16.51 33.06
C PRO C 214 -6.95 -17.73 32.15
N GLY C 215 -5.93 -17.85 31.32
CA GLY C 215 -5.81 -19.02 30.49
C GLY C 215 -6.85 -19.15 29.40
N PHE C 216 -7.49 -18.05 29.01
CA PHE C 216 -8.53 -18.09 27.98
C PHE C 216 -8.00 -18.58 26.63
N ILE C 217 -6.82 -18.11 26.22
CA ILE C 217 -6.26 -18.48 24.92
C ILE C 217 -5.20 -19.56 25.15
N PRO C 218 -5.42 -20.79 24.69
CA PRO C 218 -4.37 -21.81 24.80
C PRO C 218 -3.28 -21.60 23.76
N GLY C 219 -2.10 -22.15 24.07
CA GLY C 219 -0.95 -21.95 23.19
C GLY C 219 -1.20 -22.47 21.79
N ASP C 220 -2.00 -23.55 21.67
CA ASP C 220 -2.31 -24.18 20.38
C ASP C 220 -3.00 -23.24 19.40
N TRP C 221 -3.68 -22.21 19.91
CA TRP C 221 -4.39 -21.31 19.01
C TRP C 221 -3.46 -20.32 18.34
N ILE C 222 -2.26 -20.15 18.89
CA ILE C 222 -1.38 -19.09 18.44
C ILE C 222 -0.80 -19.49 17.10
N LYS C 223 -0.87 -18.58 16.14
CA LYS C 223 -0.20 -18.78 14.86
C LYS C 223 1.33 -18.82 15.03
N GLU C 224 1.97 -19.75 14.35
CA GLU C 224 3.41 -19.86 14.42
C GLU C 224 4.05 -18.55 13.99
N GLY C 225 4.88 -17.97 14.86
CA GLY C 225 5.50 -16.70 14.55
C GLY C 225 4.73 -15.48 14.98
N ALA C 226 3.56 -15.65 15.60
CA ALA C 226 2.76 -14.50 15.95
C ALA C 226 3.42 -13.68 17.06
N ILE C 227 3.03 -12.40 17.10
CA ILE C 227 3.32 -11.50 18.21
C ILE C 227 2.13 -11.51 19.13
N VAL C 228 2.35 -11.85 20.41
CA VAL C 228 1.28 -12.04 21.38
C VAL C 228 1.40 -10.96 22.46
N ILE C 229 0.36 -10.13 22.56
CA ILE C 229 0.26 -9.07 23.55
C ILE C 229 -0.89 -9.43 24.48
N ASP C 230 -0.56 -9.65 25.75
CA ASP C 230 -1.50 -10.15 26.75
C ASP C 230 -1.79 -9.01 27.71
N VAL C 231 -3.00 -8.44 27.62
CA VAL C 231 -3.39 -7.31 28.48
C VAL C 231 -4.03 -7.76 29.79
N GLY C 232 -4.37 -9.04 29.93
CA GLY C 232 -4.98 -9.49 31.17
C GLY C 232 -4.04 -9.44 32.35
N ILE C 233 -4.59 -9.07 33.50
CA ILE C 233 -3.89 -9.14 34.78
C ILE C 233 -4.89 -9.79 35.72
N ASN C 234 -4.77 -11.11 35.90
CA ASN C 234 -5.74 -11.92 36.61
C ASN C 234 -5.12 -12.48 37.89
N ARG C 235 -5.71 -12.12 39.04
CA ARG C 235 -5.28 -12.71 40.31
C ARG C 235 -5.83 -14.11 40.44
N LEU C 236 -4.98 -15.05 40.77
CA LEU C 236 -5.45 -16.38 41.12
C LEU C 236 -5.58 -16.52 42.64
N GLU C 237 -6.35 -17.51 43.06
CA GLU C 237 -6.57 -17.75 44.49
C GLU C 237 -5.26 -17.99 45.23
N ASN C 238 -4.24 -18.48 44.53
CA ASN C 238 -2.96 -18.75 45.18
C ASN C 238 -2.08 -17.51 45.26
N GLY C 239 -2.59 -16.35 44.88
CA GLY C 239 -1.85 -15.10 44.95
C GLY C 239 -1.09 -14.70 43.70
N LYS C 240 -0.90 -15.63 42.77
CA LYS C 240 -0.20 -15.28 41.55
C LYS C 240 -1.08 -14.44 40.64
N VAL C 241 -0.42 -13.75 39.72
CA VAL C 241 -1.09 -12.99 38.66
C VAL C 241 -0.67 -13.59 37.33
N VAL C 242 -1.65 -13.90 36.46
CA VAL C 242 -1.37 -14.48 35.15
C VAL C 242 -2.16 -13.72 34.09
N GLY C 243 -1.75 -13.90 32.83
CA GLY C 243 -2.45 -13.27 31.74
C GLY C 243 -3.65 -14.06 31.23
N ASP C 244 -4.27 -13.52 30.18
CA ASP C 244 -5.31 -14.22 29.45
C ASP C 244 -4.79 -15.30 28.53
N VAL C 245 -3.49 -15.34 28.26
CA VAL C 245 -2.88 -16.32 27.37
C VAL C 245 -2.11 -17.32 28.22
N VAL C 246 -2.16 -18.60 27.83
CA VAL C 246 -1.36 -19.64 28.52
C VAL C 246 0.09 -19.48 28.07
N PHE C 247 0.89 -18.86 28.95
CA PHE C 247 2.17 -18.29 28.53
C PHE C 247 3.14 -19.35 28.01
N GLU C 248 3.36 -20.41 28.80
CA GLU C 248 4.43 -21.35 28.46
C GLU C 248 4.13 -22.08 27.15
N ASP C 249 2.87 -22.39 26.90
CA ASP C 249 2.53 -23.01 25.61
C ASP C 249 2.60 -22.01 24.46
N ALA C 250 2.07 -20.81 24.66
CA ALA C 250 2.12 -19.81 23.59
C ALA C 250 3.55 -19.45 23.25
N ALA C 251 4.46 -19.42 24.23
CA ALA C 251 5.86 -19.08 23.97
C ALA C 251 6.56 -20.11 23.09
N LYS C 252 6.03 -21.32 22.98
CA LYS C 252 6.61 -22.30 22.08
C LYS C 252 6.34 -21.99 20.61
N ARG C 253 5.31 -21.15 20.33
CA ARG C 253 4.89 -20.84 18.97
C ARG C 253 5.11 -19.39 18.54
N ALA C 254 4.98 -18.44 19.46
CA ALA C 254 5.07 -17.02 19.11
C ALA C 254 6.50 -16.65 18.73
N SER C 255 6.63 -15.60 17.93
CA SER C 255 7.94 -14.97 17.75
C SER C 255 8.26 -14.03 18.93
N TYR C 256 7.24 -13.34 19.44
CA TYR C 256 7.37 -12.41 20.55
C TYR C 256 6.18 -12.61 21.47
N ILE C 257 6.38 -12.41 22.78
CA ILE C 257 5.26 -12.49 23.69
C ILE C 257 5.54 -11.62 24.91
N THR C 258 4.48 -10.97 25.41
CA THR C 258 4.52 -10.22 26.66
C THR C 258 4.30 -11.14 27.87
N PRO C 259 5.18 -11.13 28.87
CA PRO C 259 4.89 -11.87 30.09
C PRO C 259 3.83 -11.13 30.91
N VAL C 260 3.27 -11.86 31.87
CA VAL C 260 2.39 -11.27 32.87
C VAL C 260 2.82 -11.84 34.21
N PRO C 261 3.21 -11.02 35.19
CA PRO C 261 3.30 -9.56 35.11
C PRO C 261 4.51 -9.10 34.29
N GLY C 262 4.63 -7.78 34.15
CA GLY C 262 5.83 -7.19 33.60
C GLY C 262 5.81 -6.95 32.10
N GLY C 263 4.64 -7.02 31.46
CA GLY C 263 4.52 -6.84 30.02
C GLY C 263 3.83 -5.54 29.66
N VAL C 264 2.53 -5.60 29.40
CA VAL C 264 1.77 -4.39 29.14
C VAL C 264 1.64 -3.52 30.39
N GLY C 265 1.57 -4.12 31.59
CA GLY C 265 1.25 -3.40 32.81
C GLY C 265 2.05 -2.14 33.04
N PRO C 266 3.37 -2.25 33.03
CA PRO C 266 4.22 -1.07 33.24
C PRO C 266 4.04 0.03 32.19
N MET C 267 3.60 -0.31 30.99
CA MET C 267 3.46 0.68 29.93
C MET C 267 2.25 1.58 30.10
N THR C 268 1.20 1.11 30.79
CA THR C 268 0.06 1.99 31.08
C THR C 268 0.48 3.23 31.86
N VAL C 269 1.27 3.04 32.92
CA VAL C 269 1.71 4.17 33.73
C VAL C 269 2.75 4.99 32.99
N ALA C 270 3.71 4.32 32.35
CA ALA C 270 4.69 5.05 31.55
C ALA C 270 4.01 5.96 30.50
N THR C 271 2.90 5.50 29.91
CA THR C 271 2.22 6.33 28.91
C THR C 271 1.47 7.50 29.55
N LEU C 272 0.90 7.32 30.75
CA LEU C 272 0.34 8.45 31.48
C LEU C 272 1.38 9.56 31.65
N ILE C 273 2.59 9.18 32.07
CA ILE C 273 3.70 10.12 32.25
C ILE C 273 4.03 10.83 30.94
N GLU C 274 4.15 10.06 29.86
CA GLU C 274 4.41 10.62 28.54
C GLU C 274 3.35 11.63 28.14
N ASN C 275 2.08 11.27 28.33
CA ASN C 275 0.96 12.15 27.97
C ASN C 275 1.03 13.46 28.74
N THR C 276 1.34 13.37 30.02
CA THR C 276 1.40 14.59 30.85
C THR C 276 2.52 15.50 30.39
N LEU C 277 3.70 14.92 30.07
CA LEU C 277 4.75 15.74 29.51
C LEU C 277 4.32 16.37 28.18
N GLN C 278 3.70 15.57 27.31
CA GLN C 278 3.27 16.08 26.02
C GLN C 278 2.34 17.27 26.19
N ALA C 279 1.36 17.16 27.08
CA ALA C 279 0.43 18.26 27.31
C ALA C 279 1.16 19.53 27.73
N CYS C 280 2.15 19.39 28.61
CA CYS C 280 2.97 20.52 28.99
C CYS C 280 3.75 21.08 27.80
N VAL C 281 4.56 20.25 27.15
CA VAL C 281 5.54 20.69 26.15
C VAL C 281 4.86 21.19 24.89
N GLU C 282 3.78 20.55 24.48
CA GLU C 282 3.12 20.85 23.20
C GLU C 282 1.92 21.76 23.33
N TYR C 283 1.09 21.59 24.36
CA TYR C 283 -0.22 22.22 24.39
C TYR C 283 -0.30 23.41 25.33
N HIS C 284 0.51 23.48 26.38
CA HIS C 284 0.31 24.50 27.40
C HIS C 284 1.47 25.49 27.51
N ASP C 285 2.72 25.02 27.49
CA ASP C 285 3.89 25.88 27.72
C ASP C 285 4.97 25.56 26.69
N PRO C 286 4.65 25.60 25.39
CA PRO C 286 5.64 25.25 24.36
C PRO C 286 6.75 26.28 24.23
N GLY D 2 -27.02 -16.63 -10.31
CA GLY D 2 -27.62 -16.86 -8.96
C GLY D 2 -28.69 -15.84 -8.62
N ALA D 3 -28.57 -14.64 -9.21
CA ALA D 3 -29.51 -13.55 -8.97
C ALA D 3 -29.52 -13.12 -7.51
N ALA D 4 -28.63 -12.21 -7.14
CA ALA D 4 -28.72 -11.59 -5.83
C ALA D 4 -29.90 -10.64 -5.82
N LYS D 5 -30.48 -10.46 -4.63
CA LYS D 5 -31.52 -9.44 -4.47
C LYS D 5 -30.88 -8.06 -4.47
N ILE D 6 -31.53 -7.12 -5.13
CA ILE D 6 -30.99 -5.77 -5.21
C ILE D 6 -31.37 -4.99 -3.96
N ILE D 7 -30.40 -4.27 -3.40
CA ILE D 7 -30.65 -3.29 -2.34
C ILE D 7 -30.87 -1.95 -3.04
N ASP D 8 -32.12 -1.53 -3.11
CA ASP D 8 -32.53 -0.36 -3.89
C ASP D 8 -32.47 0.86 -2.98
N GLY D 9 -31.32 1.53 -2.96
CA GLY D 9 -31.15 2.67 -2.09
C GLY D 9 -31.94 3.88 -2.52
N LYS D 10 -32.24 3.98 -3.82
CA LYS D 10 -33.11 5.07 -4.25
C LYS D 10 -34.47 4.97 -3.57
N THR D 11 -35.05 3.77 -3.52
CA THR D 11 -36.35 3.58 -2.86
C THR D 11 -36.25 3.84 -1.37
N ILE D 12 -35.24 3.28 -0.71
CA ILE D 12 -35.10 3.48 0.72
C ILE D 12 -34.89 4.97 1.03
N ALA D 13 -34.11 5.68 0.21
CA ALA D 13 -33.91 7.10 0.45
C ALA D 13 -35.24 7.86 0.37
N GLN D 14 -36.09 7.49 -0.59
CA GLN D 14 -37.39 8.14 -0.69
C GLN D 14 -38.24 7.88 0.55
N GLN D 15 -38.23 6.65 1.06
CA GLN D 15 -38.96 6.36 2.29
C GLN D 15 -38.46 7.23 3.45
N VAL D 16 -37.13 7.38 3.57
CA VAL D 16 -36.58 8.14 4.70
C VAL D 16 -36.97 9.61 4.58
N ARG D 17 -36.83 10.18 3.38
CA ARG D 17 -37.20 11.56 3.19
C ARG D 17 -38.69 11.78 3.42
N SER D 18 -39.52 10.79 3.05
CA SER D 18 -40.96 10.89 3.31
C SER D 18 -41.26 10.87 4.80
N GLU D 19 -40.56 10.01 5.55
CA GLU D 19 -40.71 9.97 7.00
C GLU D 19 -40.27 11.27 7.65
N VAL D 20 -39.12 11.83 7.21
CA VAL D 20 -38.68 13.12 7.72
C VAL D 20 -39.72 14.20 7.41
N ALA D 21 -40.20 14.24 6.16
CA ALA D 21 -41.17 15.27 5.78
C ALA D 21 -42.42 15.19 6.63
N GLN D 22 -42.89 13.97 6.91
CA GLN D 22 -44.11 13.82 7.71
C GLN D 22 -43.88 14.28 9.15
N LYS D 23 -42.71 14.03 9.72
CA LYS D 23 -42.45 14.49 11.06
C LYS D 23 -42.31 16.01 11.11
N VAL D 24 -41.75 16.62 10.07
CA VAL D 24 -41.71 18.08 10.03
C VAL D 24 -43.13 18.64 10.00
N GLN D 25 -44.01 18.06 9.18
CA GLN D 25 -45.38 18.54 9.12
C GLN D 25 -46.09 18.38 10.46
N ALA D 26 -45.83 17.29 11.16
CA ALA D 26 -46.43 17.10 12.47
C ALA D 26 -45.94 18.17 13.44
N ARG D 27 -44.64 18.51 13.38
CA ARG D 27 -44.11 19.56 14.24
C ARG D 27 -44.79 20.90 13.96
N ILE D 28 -44.99 21.23 12.69
CA ILE D 28 -45.59 22.51 12.36
C ILE D 28 -47.03 22.57 12.87
N ALA D 29 -47.78 21.48 12.74
CA ALA D 29 -49.16 21.44 13.23
C ALA D 29 -49.24 21.59 14.75
N ALA D 30 -48.22 21.13 15.46
CA ALA D 30 -48.13 21.28 16.92
C ALA D 30 -47.56 22.63 17.35
N GLY D 31 -47.36 23.57 16.42
CA GLY D 31 -46.82 24.87 16.78
C GLY D 31 -45.33 24.90 17.01
N LEU D 32 -44.57 23.96 16.47
CA LEU D 32 -43.13 23.91 16.63
C LEU D 32 -42.44 24.30 15.33
N ARG D 33 -41.21 24.80 15.45
CA ARG D 33 -40.47 25.29 14.30
C ARG D 33 -39.95 24.12 13.47
N ALA D 34 -39.68 24.40 12.21
CA ALA D 34 -39.07 23.42 11.34
C ALA D 34 -37.56 23.36 11.61
N PRO D 35 -36.92 22.22 11.36
CA PRO D 35 -35.46 22.16 11.48
C PRO D 35 -34.79 23.11 10.49
N GLY D 36 -33.61 23.58 10.89
CA GLY D 36 -32.87 24.55 10.10
C GLY D 36 -31.44 24.12 9.88
N LEU D 37 -30.98 24.26 8.64
CA LEU D 37 -29.64 23.89 8.22
C LEU D 37 -28.94 25.15 7.74
N ALA D 38 -27.71 25.37 8.21
CA ALA D 38 -26.90 26.50 7.77
C ALA D 38 -25.65 25.98 7.08
N VAL D 39 -25.35 26.54 5.90
CA VAL D 39 -24.17 26.18 5.12
C VAL D 39 -23.28 27.41 5.00
N VAL D 40 -22.00 27.23 5.26
CA VAL D 40 -21.04 28.33 5.26
C VAL D 40 -20.03 28.07 4.16
N LEU D 41 -19.80 29.07 3.34
CA LEU D 41 -18.88 29.02 2.22
C LEU D 41 -17.94 30.21 2.34
N VAL D 42 -16.64 29.97 2.15
CA VAL D 42 -15.66 31.05 2.13
C VAL D 42 -15.02 31.05 0.74
N GLY D 43 -15.11 32.16 0.05
CA GLY D 43 -14.79 32.14 -1.35
C GLY D 43 -15.92 31.50 -2.13
N SER D 44 -15.67 31.24 -3.41
CA SER D 44 -16.73 30.68 -4.24
C SER D 44 -16.14 30.15 -5.52
N ASN D 45 -16.85 29.19 -6.11
CA ASN D 45 -16.51 28.60 -7.39
C ASN D 45 -17.64 27.65 -7.78
N PRO D 46 -17.72 27.25 -9.06
CA PRO D 46 -18.86 26.42 -9.48
C PRO D 46 -19.06 25.18 -8.62
N ALA D 47 -17.98 24.54 -8.16
CA ALA D 47 -18.13 23.33 -7.36
C ALA D 47 -18.80 23.64 -6.03
N SER D 48 -18.44 24.76 -5.40
CA SER D 48 -19.01 25.03 -4.10
C SER D 48 -20.46 25.49 -4.21
N GLN D 49 -20.84 26.14 -5.33
CA GLN D 49 -22.24 26.51 -5.50
C GLN D 49 -23.11 25.28 -5.82
N ILE D 50 -22.57 24.25 -6.46
CA ILE D 50 -23.32 23.00 -6.62
C ILE D 50 -23.58 22.36 -5.25
N TYR D 51 -22.57 22.39 -4.37
CA TYR D 51 -22.74 21.91 -3.00
C TYR D 51 -23.87 22.66 -2.30
N VAL D 52 -23.83 24.00 -2.30
CA VAL D 52 -24.85 24.77 -1.62
C VAL D 52 -26.22 24.45 -2.20
N ALA D 53 -26.31 24.44 -3.53
CA ALA D 53 -27.59 24.20 -4.19
C ALA D 53 -28.15 22.83 -3.81
N SER D 54 -27.28 21.81 -3.69
CA SER D 54 -27.74 20.48 -3.33
C SER D 54 -28.28 20.45 -1.90
N LYS D 55 -27.64 21.14 -0.97
CA LYS D 55 -28.16 21.18 0.39
C LYS D 55 -29.49 21.93 0.44
N ARG D 56 -29.60 23.01 -0.32
CA ARG D 56 -30.86 23.75 -0.35
C ARG D 56 -31.99 22.90 -0.91
N LYS D 57 -31.72 22.16 -1.99
CA LYS D 57 -32.77 21.32 -2.56
C LYS D 57 -33.18 20.23 -1.58
N ALA D 58 -32.21 19.67 -0.87
CA ALA D 58 -32.50 18.66 0.14
C ALA D 58 -33.42 19.20 1.22
N CYS D 59 -33.18 20.45 1.63
CA CYS D 59 -34.02 21.06 2.67
C CYS D 59 -35.43 21.30 2.16
N GLU D 60 -35.58 21.77 0.93
CA GLU D 60 -36.93 22.08 0.50
C GLU D 60 -37.74 20.82 0.25
N GLU D 61 -37.10 19.70 -0.05
CA GLU D 61 -37.86 18.47 -0.24
C GLU D 61 -38.57 18.05 1.02
N VAL D 62 -38.02 18.33 2.20
CA VAL D 62 -38.61 17.89 3.45
C VAL D 62 -39.18 19.01 4.30
N GLY D 63 -39.12 20.25 3.84
CA GLY D 63 -39.67 21.36 4.61
C GLY D 63 -38.75 21.94 5.66
N PHE D 64 -37.43 21.71 5.57
CA PHE D 64 -36.49 22.40 6.43
C PHE D 64 -36.30 23.84 5.96
N VAL D 65 -35.87 24.70 6.88
CA VAL D 65 -35.39 26.03 6.51
C VAL D 65 -33.90 25.93 6.26
N SER D 66 -33.43 26.52 5.18
CA SER D 66 -32.01 26.53 4.87
C SER D 66 -31.51 27.97 4.80
N ARG D 67 -30.28 28.16 5.28
CA ARG D 67 -29.56 29.40 5.11
C ARG D 67 -28.20 29.10 4.52
N SER D 68 -27.71 30.02 3.70
CA SER D 68 -26.38 29.95 3.11
C SER D 68 -25.64 31.23 3.49
N TYR D 69 -24.42 31.09 3.98
CA TYR D 69 -23.52 32.23 4.17
C TYR D 69 -22.45 32.17 3.08
N ASP D 70 -22.28 33.27 2.34
CA ASP D 70 -21.19 33.40 1.37
C ASP D 70 -20.26 34.49 1.84
N LEU D 71 -19.11 34.09 2.34
CA LEU D 71 -18.14 35.02 2.88
C LEU D 71 -17.03 35.26 1.86
N PRO D 72 -16.45 36.47 1.82
CA PRO D 72 -15.37 36.72 0.86
C PRO D 72 -14.11 35.92 1.17
N GLU D 73 -13.31 35.71 0.11
CA GLU D 73 -12.06 34.96 0.22
C GLU D 73 -11.13 35.56 1.27
N THR D 74 -11.23 36.86 1.51
CA THR D 74 -10.34 37.55 2.42
C THR D 74 -10.68 37.33 3.89
N THR D 75 -11.74 36.59 4.17
CA THR D 75 -12.22 36.43 5.54
C THR D 75 -11.13 35.83 6.43
N SER D 76 -10.95 36.42 7.59
CA SER D 76 -9.93 35.97 8.52
C SER D 76 -10.45 34.81 9.35
N GLU D 77 -9.50 34.06 9.93
CA GLU D 77 -9.89 32.94 10.76
C GLU D 77 -10.74 33.40 11.93
N ALA D 78 -10.41 34.55 12.51
CA ALA D 78 -11.15 35.06 13.65
C ALA D 78 -12.59 35.41 13.27
N GLU D 79 -12.80 36.02 12.10
CA GLU D 79 -14.15 36.32 11.65
C GLU D 79 -14.95 35.04 11.46
N LEU D 80 -14.32 34.01 10.90
CA LEU D 80 -15.02 32.76 10.64
C LEU D 80 -15.40 32.06 11.94
N LEU D 81 -14.48 32.04 12.92
CA LEU D 81 -14.79 31.44 14.22
C LEU D 81 -15.92 32.19 14.91
N GLU D 82 -15.91 33.52 14.80
CA GLU D 82 -16.99 34.31 15.39
C GLU D 82 -18.33 33.97 14.74
N LEU D 83 -18.35 33.80 13.43
CA LEU D 83 -19.59 33.35 12.77
C LEU D 83 -20.05 31.99 13.30
N ILE D 84 -19.13 31.04 13.43
CA ILE D 84 -19.52 29.74 13.99
C ILE D 84 -20.09 29.91 15.40
N ASP D 85 -19.45 30.75 16.23
CA ASP D 85 -20.00 31.03 17.55
C ASP D 85 -21.44 31.51 17.46
N THR D 86 -21.73 32.42 16.52
CA THR D 86 -23.08 32.96 16.38
C THR D 86 -24.08 31.87 15.98
N LEU D 87 -23.69 30.99 15.06
CA LEU D 87 -24.56 29.90 14.65
C LEU D 87 -24.77 28.88 15.76
N ASN D 88 -23.71 28.56 16.51
CA ASN D 88 -23.83 27.66 17.66
C ASN D 88 -24.85 28.17 18.66
N ALA D 89 -24.92 29.50 18.84
CA ALA D 89 -25.84 30.11 19.79
C ALA D 89 -27.23 30.34 19.22
N ASP D 90 -27.45 30.08 17.93
CA ASP D 90 -28.74 30.35 17.30
C ASP D 90 -29.64 29.12 17.47
N ASN D 91 -30.64 29.24 18.33
CA ASN D 91 -31.52 28.11 18.61
C ASN D 91 -32.41 27.73 17.43
N THR D 92 -32.46 28.52 16.36
CA THR D 92 -33.21 28.13 15.17
C THR D 92 -32.38 27.32 14.17
N ILE D 93 -31.09 27.14 14.43
CA ILE D 93 -30.20 26.35 13.57
C ILE D 93 -29.94 25.00 14.25
N ASP D 94 -30.14 23.91 13.52
CA ASP D 94 -29.87 22.58 14.04
C ASP D 94 -28.64 21.93 13.45
N GLY D 95 -28.28 22.30 12.23
CA GLY D 95 -27.08 21.76 11.61
C GLY D 95 -26.27 22.87 10.97
N ILE D 96 -24.95 22.74 11.07
CA ILE D 96 -23.98 23.65 10.47
C ILE D 96 -23.06 22.83 9.59
N LEU D 97 -22.95 23.21 8.32
CA LEU D 97 -21.98 22.64 7.39
C LEU D 97 -21.01 23.71 6.93
N VAL D 98 -19.72 23.39 6.89
CA VAL D 98 -18.70 24.28 6.34
C VAL D 98 -18.06 23.59 5.15
N HIS D 99 -18.08 24.24 3.99
CA HIS D 99 -17.88 23.54 2.71
C HIS D 99 -16.53 22.82 2.59
N LEU D 100 -15.42 23.56 2.63
CA LEU D 100 -14.07 22.97 2.48
C LEU D 100 -13.72 22.63 1.02
N PRO D 101 -12.55 23.06 0.54
CA PRO D 101 -11.46 23.71 1.26
C PRO D 101 -11.71 25.19 1.55
N LEU D 102 -11.10 25.68 2.65
CA LEU D 102 -11.11 27.08 3.06
C LEU D 102 -9.86 27.79 2.58
N PRO D 103 -9.87 29.12 2.55
CA PRO D 103 -8.69 29.86 2.06
C PRO D 103 -7.41 29.40 2.74
N ALA D 104 -6.31 29.45 1.97
CA ALA D 104 -5.09 28.73 2.31
C ALA D 104 -4.60 29.04 3.72
N GLY D 105 -4.79 30.25 4.20
CA GLY D 105 -4.26 30.59 5.52
C GLY D 105 -5.13 30.24 6.72
N ILE D 106 -6.27 29.59 6.52
CA ILE D 106 -7.22 29.30 7.61
C ILE D 106 -6.98 27.89 8.11
N ASP D 107 -6.91 27.73 9.42
CA ASP D 107 -6.81 26.41 10.05
C ASP D 107 -8.18 25.74 9.95
N ASN D 108 -8.37 24.93 8.90
CA ASN D 108 -9.64 24.25 8.67
C ASN D 108 -10.10 23.46 9.91
N VAL D 109 -9.15 22.81 10.60
CA VAL D 109 -9.50 21.93 11.71
C VAL D 109 -10.04 22.76 12.87
N LYS D 110 -9.41 23.89 13.17
CA LYS D 110 -9.89 24.75 14.25
C LYS D 110 -11.29 25.28 13.97
N VAL D 111 -11.60 25.60 12.70
CA VAL D 111 -12.94 26.09 12.34
C VAL D 111 -13.99 24.98 12.48
N LEU D 112 -13.72 23.81 11.89
CA LEU D 112 -14.68 22.72 11.97
C LEU D 112 -14.87 22.23 13.39
N GLU D 113 -13.81 22.21 14.19
CA GLU D 113 -13.97 21.76 15.55
C GLU D 113 -14.67 22.79 16.44
N ARG D 114 -14.81 24.04 15.98
CA ARG D 114 -15.56 25.05 16.74
C ARG D 114 -17.06 24.82 16.67
N ILE D 115 -17.54 24.10 15.66
CA ILE D 115 -18.96 23.72 15.58
C ILE D 115 -19.32 22.88 16.79
N HIS D 116 -20.44 23.20 17.43
CA HIS D 116 -20.87 22.40 18.56
CA HIS D 116 -20.89 22.40 18.56
C HIS D 116 -21.21 20.99 18.07
N PRO D 117 -20.76 19.94 18.76
CA PRO D 117 -21.05 18.57 18.27
C PRO D 117 -22.53 18.29 18.02
N ASP D 118 -23.43 18.97 18.75
CA ASP D 118 -24.88 18.85 18.63
C ASP D 118 -25.45 19.42 17.33
N LYS D 119 -24.66 20.21 16.59
CA LYS D 119 -25.02 20.73 15.28
C LYS D 119 -24.14 20.17 14.16
N ASP D 120 -23.27 19.21 14.48
CA ASP D 120 -22.37 18.60 13.52
C ASP D 120 -23.09 17.46 12.79
N VAL D 121 -24.02 17.84 11.89
CA VAL D 121 -24.91 16.85 11.28
C VAL D 121 -24.21 15.95 10.26
N ASP D 122 -23.01 16.29 9.84
CA ASP D 122 -22.17 15.41 9.04
C ASP D 122 -21.43 14.37 9.87
N GLY D 123 -21.39 14.51 11.19
CA GLY D 123 -20.68 13.55 12.02
C GLY D 123 -19.18 13.65 11.91
N PHE D 124 -18.66 14.80 11.50
CA PHE D 124 -17.25 15.08 11.23
C PHE D 124 -16.46 15.44 12.49
N HIS D 125 -17.12 15.89 13.55
CA HIS D 125 -16.41 16.42 14.70
C HIS D 125 -15.81 15.28 15.52
N PRO D 126 -14.57 15.40 15.97
CA PRO D 126 -13.96 14.27 16.68
C PRO D 126 -14.75 13.84 17.91
N TYR D 127 -15.45 14.76 18.58
CA TYR D 127 -16.27 14.37 19.72
C TYR D 127 -17.30 13.33 19.30
N ASN D 128 -17.97 13.57 18.17
CA ASN D 128 -18.99 12.64 17.69
C ASN D 128 -18.37 11.33 17.24
N VAL D 129 -17.21 11.38 16.57
CA VAL D 129 -16.56 10.13 16.14
C VAL D 129 -16.12 9.33 17.38
N GLY D 130 -15.56 10.02 18.37
CA GLY D 130 -15.20 9.36 19.59
C GLY D 130 -16.38 8.74 20.33
N ARG D 131 -17.51 9.46 20.37
CA ARG D 131 -18.70 8.91 21.02
C ARG D 131 -19.17 7.63 20.31
N LEU D 132 -19.13 7.62 18.99
CA LEU D 132 -19.48 6.42 18.24
C LEU D 132 -18.49 5.29 18.51
N CYS D 133 -17.21 5.61 18.55
CA CYS D 133 -16.21 4.57 18.79
C CYS D 133 -16.42 3.95 20.16
N GLN D 134 -16.79 4.77 21.14
CA GLN D 134 -16.94 4.35 22.54
C GLN D 134 -18.38 3.95 22.87
N ARG D 135 -19.11 3.49 21.85
CA ARG D 135 -20.46 2.87 21.93
C ARG D 135 -21.48 3.77 22.63
N ALA D 136 -21.36 5.07 22.45
CA ALA D 136 -22.39 6.01 22.93
C ALA D 136 -22.63 7.08 21.87
N PRO D 137 -23.12 6.68 20.69
CA PRO D 137 -23.18 7.60 19.55
C PRO D 137 -24.15 8.74 19.77
N ARG D 138 -23.82 9.87 19.14
CA ARG D 138 -24.67 11.04 19.08
C ARG D 138 -25.03 11.23 17.61
N LEU D 139 -24.54 12.28 16.98
CA LEU D 139 -24.64 12.40 15.53
C LEU D 139 -23.52 11.62 14.87
N ARG D 140 -23.86 10.88 13.81
CA ARG D 140 -22.94 9.91 13.20
C ARG D 140 -22.64 10.24 11.75
N PRO D 141 -21.44 9.92 11.27
CA PRO D 141 -21.14 10.04 9.84
C PRO D 141 -22.22 9.42 8.94
N CYS D 142 -22.58 10.18 7.90
CA CYS D 142 -23.80 9.91 7.14
C CYS D 142 -23.71 8.64 6.30
N THR D 143 -22.57 8.40 5.64
CA THR D 143 -22.52 7.23 4.75
C THR D 143 -22.61 5.93 5.54
N PRO D 144 -21.80 5.69 6.59
CA PRO D 144 -21.98 4.43 7.35
C PRO D 144 -23.35 4.33 7.99
N ARG D 145 -23.91 5.44 8.48
CA ARG D 145 -25.23 5.37 9.09
C ARG D 145 -26.29 5.02 8.04
N GLY D 146 -26.15 5.58 6.84
CA GLY D 146 -27.06 5.21 5.77
C GLY D 146 -27.00 3.74 5.39
N ILE D 147 -25.80 3.15 5.47
CA ILE D 147 -25.62 1.74 5.17
C ILE D 147 -26.28 0.87 6.23
N VAL D 148 -26.17 1.23 7.51
CA VAL D 148 -26.91 0.52 8.55
C VAL D 148 -28.41 0.59 8.27
N THR D 149 -28.90 1.77 7.91
CA THR D 149 -30.32 1.91 7.53
C THR D 149 -30.72 0.98 6.38
N LEU D 150 -29.92 0.90 5.33
CA LEU D 150 -30.24 -0.02 4.25
C LEU D 150 -30.42 -1.44 4.76
N LEU D 151 -29.44 -1.91 5.57
CA LEU D 151 -29.50 -3.27 6.09
C LEU D 151 -30.73 -3.47 6.94
N GLU D 152 -31.05 -2.49 7.79
CA GLU D 152 -32.24 -2.58 8.63
C GLU D 152 -33.50 -2.65 7.77
N ARG D 153 -33.63 -1.73 6.79
CA ARG D 153 -34.87 -1.67 6.02
C ARG D 153 -35.08 -2.94 5.21
N TYR D 154 -34.01 -3.64 4.85
CA TYR D 154 -34.16 -4.90 4.14
C TYR D 154 -34.22 -6.09 5.08
N ASN D 155 -34.31 -5.85 6.40
CA ASN D 155 -34.41 -6.92 7.38
C ASN D 155 -33.26 -7.91 7.25
N ILE D 156 -32.06 -7.38 7.04
CA ILE D 156 -30.84 -8.17 6.99
C ILE D 156 -30.27 -8.22 8.40
N ASP D 157 -30.26 -9.40 9.01
CA ASP D 157 -29.71 -9.58 10.35
C ASP D 157 -28.19 -9.51 10.28
N THR D 158 -27.61 -8.53 10.97
CA THR D 158 -26.17 -8.39 10.99
C THR D 158 -25.52 -9.07 12.18
N PHE D 159 -26.32 -9.46 13.18
CA PHE D 159 -25.72 -9.94 14.42
C PHE D 159 -24.87 -11.18 14.16
N GLY D 160 -23.59 -11.10 14.53
CA GLY D 160 -22.69 -12.24 14.45
C GLY D 160 -22.04 -12.45 13.11
N LEU D 161 -22.40 -11.67 12.10
CA LEU D 161 -21.81 -11.83 10.79
C LEU D 161 -20.34 -11.41 10.84
N ASN D 162 -19.55 -12.06 10.00
CA ASN D 162 -18.16 -11.67 9.78
C ASN D 162 -18.13 -10.60 8.69
N ALA D 163 -17.87 -9.36 9.09
CA ALA D 163 -17.97 -8.19 8.22
C ALA D 163 -16.59 -7.68 7.88
N VAL D 164 -16.36 -7.39 6.60
CA VAL D 164 -15.08 -6.88 6.13
C VAL D 164 -15.33 -5.53 5.45
N VAL D 165 -14.59 -4.52 5.87
CA VAL D 165 -14.62 -3.18 5.29
C VAL D 165 -13.35 -3.01 4.48
N ILE D 166 -13.48 -2.67 3.19
CA ILE D 166 -12.35 -2.42 2.31
C ILE D 166 -12.19 -0.92 2.17
N GLY D 167 -11.14 -0.40 2.76
CA GLY D 167 -10.89 1.04 2.79
C GLY D 167 -11.05 1.48 4.24
N ALA D 168 -10.18 2.39 4.68
CA ALA D 168 -10.16 2.85 6.08
C ALA D 168 -10.30 4.37 6.16
N SER D 169 -11.07 4.97 5.26
CA SER D 169 -11.12 6.42 5.23
C SER D 169 -11.82 6.97 6.49
N ASN D 170 -11.55 8.25 6.81
CA ASN D 170 -12.27 8.91 7.90
C ASN D 170 -13.76 9.05 7.58
N ILE D 171 -14.10 9.21 6.30
CA ILE D 171 -15.49 9.50 5.93
C ILE D 171 -16.31 8.22 5.92
N VAL D 172 -15.69 7.09 5.59
CA VAL D 172 -16.45 5.84 5.45
C VAL D 172 -15.88 4.71 6.28
N GLY D 173 -14.70 4.21 5.90
CA GLY D 173 -14.27 2.90 6.39
C GLY D 173 -14.10 2.84 7.90
N ARG D 174 -13.41 3.83 8.46
CA ARG D 174 -13.22 3.80 9.92
C ARG D 174 -14.55 3.85 10.67
N PRO D 175 -15.40 4.87 10.48
CA PRO D 175 -16.70 4.85 11.18
C PRO D 175 -17.57 3.67 10.79
N MET D 176 -17.43 3.14 9.57
CA MET D 176 -18.21 1.96 9.21
C MET D 176 -17.91 0.81 10.16
N SER D 177 -16.63 0.60 10.50
CA SER D 177 -16.32 -0.50 11.41
C SER D 177 -16.95 -0.28 12.79
N MET D 178 -17.02 0.97 13.24
CA MET D 178 -17.61 1.26 14.54
C MET D 178 -19.11 0.97 14.54
N GLU D 179 -19.79 1.35 13.45
CA GLU D 179 -21.22 1.05 13.34
C GLU D 179 -21.47 -0.44 13.32
N LEU D 180 -20.62 -1.18 12.61
CA LEU D 180 -20.86 -2.61 12.49
C LEU D 180 -20.60 -3.34 13.81
N LEU D 181 -19.63 -2.87 14.59
CA LEU D 181 -19.45 -3.42 15.93
C LEU D 181 -20.73 -3.26 16.77
N LEU D 182 -21.34 -2.09 16.72
CA LEU D 182 -22.55 -1.85 17.48
C LEU D 182 -23.71 -2.70 16.95
N ALA D 183 -23.66 -3.03 15.66
CA ALA D 183 -24.68 -3.88 15.07
C ALA D 183 -24.43 -5.36 15.35
N GLY D 184 -23.40 -5.68 16.12
CA GLY D 184 -23.12 -7.04 16.54
C GLY D 184 -22.24 -7.86 15.63
N CYS D 185 -21.56 -7.25 14.65
CA CYS D 185 -20.65 -7.95 13.73
C CYS D 185 -19.25 -8.13 14.32
N THR D 186 -18.58 -9.18 13.87
CA THR D 186 -17.12 -9.19 13.85
C THR D 186 -16.69 -8.28 12.71
N THR D 187 -15.69 -7.45 12.94
CA THR D 187 -15.33 -6.43 11.96
C THR D 187 -13.85 -6.50 11.65
N THR D 188 -13.53 -6.42 10.36
CA THR D 188 -12.19 -6.32 9.86
C THR D 188 -12.12 -5.08 8.97
N VAL D 189 -11.10 -4.26 9.15
CA VAL D 189 -10.84 -3.14 8.24
C VAL D 189 -9.55 -3.44 7.48
N THR D 190 -9.65 -3.47 6.14
CA THR D 190 -8.52 -3.62 5.23
C THR D 190 -8.27 -2.28 4.54
N HIS D 191 -7.12 -2.19 3.85
CA HIS D 191 -6.68 -0.91 3.27
C HIS D 191 -5.47 -1.18 2.40
N ARG D 192 -4.76 -0.12 2.04
CA ARG D 192 -3.70 -0.23 1.04
C ARG D 192 -2.48 -1.01 1.54
N PHE D 193 -2.35 -1.28 2.84
CA PHE D 193 -1.25 -2.09 3.36
C PHE D 193 -1.64 -3.55 3.58
N THR D 194 -2.90 -3.92 3.41
CA THR D 194 -3.32 -5.31 3.64
C THR D 194 -2.62 -6.26 2.66
N LYS D 195 -2.08 -7.38 3.18
CA LYS D 195 -1.20 -8.26 2.41
C LYS D 195 -1.95 -9.41 1.75
N ASN D 196 -3.10 -9.79 2.30
CA ASN D 196 -3.89 -10.94 1.85
C ASN D 196 -5.36 -10.53 1.66
N LEU D 197 -5.61 -9.53 0.81
CA LEU D 197 -6.96 -8.96 0.74
C LEU D 197 -7.98 -10.00 0.31
N ARG D 198 -7.65 -10.81 -0.71
CA ARG D 198 -8.60 -11.80 -1.19
C ARG D 198 -9.03 -12.76 -0.08
N HIS D 199 -8.10 -13.16 0.80
CA HIS D 199 -8.48 -14.07 1.89
C HIS D 199 -9.50 -13.42 2.84
N HIS D 200 -9.34 -12.13 3.17
CA HIS D 200 -10.33 -11.48 4.00
C HIS D 200 -11.68 -11.36 3.28
N VAL D 201 -11.66 -11.05 1.99
CA VAL D 201 -12.92 -10.85 1.26
C VAL D 201 -13.70 -12.16 1.14
N GLU D 202 -13.02 -13.26 0.86
CA GLU D 202 -13.74 -14.49 0.56
C GLU D 202 -14.34 -15.12 1.81
N ASN D 203 -13.99 -14.61 3.00
CA ASN D 203 -14.63 -15.02 4.25
C ASN D 203 -15.64 -14.00 4.78
N ALA D 204 -15.97 -12.95 4.03
CA ALA D 204 -16.87 -11.91 4.49
C ALA D 204 -18.31 -12.28 4.21
N ASP D 205 -19.11 -12.41 5.27
CA ASP D 205 -20.57 -12.50 5.13
C ASP D 205 -21.17 -11.17 4.72
N LEU D 206 -20.55 -10.10 5.15
CA LEU D 206 -21.00 -8.75 4.86
C LEU D 206 -19.78 -7.96 4.43
N LEU D 207 -19.82 -7.41 3.23
CA LEU D 207 -18.65 -6.78 2.62
C LEU D 207 -19.02 -5.33 2.30
N ILE D 208 -18.26 -4.38 2.84
CA ILE D 208 -18.43 -2.96 2.53
C ILE D 208 -17.18 -2.49 1.79
N VAL D 209 -17.35 -2.08 0.52
CA VAL D 209 -16.25 -1.67 -0.34
C VAL D 209 -16.29 -0.16 -0.52
N ALA D 210 -15.21 0.50 -0.12
CA ALA D 210 -15.11 1.96 -0.14
C ALA D 210 -13.70 2.37 -0.53
N VAL D 211 -13.27 2.02 -1.74
CA VAL D 211 -11.93 2.33 -2.20
C VAL D 211 -11.90 3.38 -3.31
N GLY D 212 -13.01 3.59 -4.04
CA GLY D 212 -13.03 4.57 -5.10
C GLY D 212 -12.19 4.19 -6.31
N LYS D 213 -12.29 2.95 -6.76
CA LYS D 213 -11.57 2.46 -7.92
C LYS D 213 -12.49 1.51 -8.69
N PRO D 214 -12.83 1.81 -9.94
CA PRO D 214 -13.84 1.01 -10.66
C PRO D 214 -13.42 -0.44 -10.86
N GLY D 215 -14.34 -1.36 -10.54
CA GLY D 215 -14.08 -2.78 -10.76
C GLY D 215 -12.96 -3.34 -9.91
N PHE D 216 -12.66 -2.71 -8.78
CA PHE D 216 -11.50 -3.10 -7.98
C PHE D 216 -11.64 -4.52 -7.41
N ILE D 217 -12.85 -4.91 -7.02
CA ILE D 217 -13.08 -6.23 -6.42
C ILE D 217 -13.72 -7.13 -7.47
N PRO D 218 -13.07 -8.24 -7.87
CA PRO D 218 -13.71 -9.16 -8.82
C PRO D 218 -14.82 -9.96 -8.18
N GLY D 219 -15.81 -10.33 -8.99
CA GLY D 219 -16.96 -11.05 -8.45
C GLY D 219 -16.62 -12.38 -7.83
N ASP D 220 -15.65 -13.10 -8.38
CA ASP D 220 -15.35 -14.41 -7.81
C ASP D 220 -14.62 -14.36 -6.48
N TRP D 221 -14.27 -13.17 -5.97
CA TRP D 221 -13.82 -13.06 -4.59
C TRP D 221 -14.98 -13.11 -3.59
N ILE D 222 -16.20 -12.81 -4.03
CA ILE D 222 -17.34 -12.72 -3.12
C ILE D 222 -17.66 -14.11 -2.56
N LYS D 223 -17.78 -14.18 -1.23
CA LYS D 223 -18.29 -15.38 -0.59
C LYS D 223 -19.71 -15.66 -1.05
N GLU D 224 -20.02 -16.92 -1.33
CA GLU D 224 -21.37 -17.27 -1.76
C GLU D 224 -22.37 -16.94 -0.66
N GLY D 225 -23.42 -16.19 -1.03
CA GLY D 225 -24.41 -15.68 -0.09
C GLY D 225 -24.07 -14.37 0.60
N ALA D 226 -22.93 -13.76 0.31
CA ALA D 226 -22.57 -12.54 1.03
C ALA D 226 -23.53 -11.40 0.71
N ILE D 227 -23.59 -10.45 1.63
CA ILE D 227 -24.21 -9.15 1.42
C ILE D 227 -23.12 -8.17 0.99
N VAL D 228 -23.24 -7.64 -0.23
CA VAL D 228 -22.23 -6.78 -0.83
C VAL D 228 -22.75 -5.35 -0.90
N ILE D 229 -22.04 -4.42 -0.26
CA ILE D 229 -22.38 -3.01 -0.18
C ILE D 229 -21.26 -2.24 -0.90
N ASP D 230 -21.60 -1.55 -1.99
CA ASP D 230 -20.62 -0.91 -2.87
C ASP D 230 -20.74 0.62 -2.74
N VAL D 231 -19.75 1.23 -2.07
CA VAL D 231 -19.77 2.67 -1.83
C VAL D 231 -19.13 3.45 -2.97
N GLY D 232 -18.47 2.77 -3.89
CA GLY D 232 -17.80 3.48 -4.98
C GLY D 232 -18.79 4.15 -5.93
N ILE D 233 -18.40 5.33 -6.39
CA ILE D 233 -19.13 6.03 -7.46
C ILE D 233 -18.04 6.55 -8.39
N ASN D 234 -17.64 5.74 -9.36
CA ASN D 234 -16.49 6.04 -10.20
C ASN D 234 -16.98 6.49 -11.57
N ARG D 235 -16.70 7.73 -11.93
CA ARG D 235 -17.10 8.23 -13.23
C ARG D 235 -16.10 7.71 -14.27
N LEU D 236 -16.62 7.06 -15.31
CA LEU D 236 -15.80 6.63 -16.43
C LEU D 236 -15.81 7.70 -17.51
N GLU D 237 -14.99 7.49 -18.54
CA GLU D 237 -14.98 8.40 -19.69
C GLU D 237 -16.20 8.12 -20.57
N ASN D 238 -16.13 7.06 -21.38
CA ASN D 238 -17.25 6.71 -22.24
C ASN D 238 -18.50 6.51 -21.41
N GLY D 239 -18.55 5.42 -20.63
CA GLY D 239 -19.64 5.24 -19.70
C GLY D 239 -19.65 6.35 -18.67
N LYS D 240 -20.62 6.36 -17.77
CA LYS D 240 -20.57 7.33 -16.68
C LYS D 240 -20.11 6.66 -15.39
N VAL D 241 -20.99 6.03 -14.61
CA VAL D 241 -20.75 5.76 -13.18
C VAL D 241 -20.81 4.26 -12.88
N VAL D 242 -19.78 3.75 -12.18
CA VAL D 242 -19.72 2.34 -11.78
C VAL D 242 -19.13 2.24 -10.38
N GLY D 243 -19.36 1.10 -9.72
CA GLY D 243 -18.91 0.88 -8.37
C GLY D 243 -17.51 0.29 -8.30
N ASP D 244 -17.08 0.06 -7.06
CA ASP D 244 -15.80 -0.57 -6.77
C ASP D 244 -15.83 -2.07 -6.98
N VAL D 245 -17.02 -2.65 -7.12
CA VAL D 245 -17.22 -4.09 -7.31
C VAL D 245 -17.70 -4.34 -8.73
N VAL D 246 -17.18 -5.40 -9.37
CA VAL D 246 -17.67 -5.82 -10.69
C VAL D 246 -19.05 -6.43 -10.51
N PHE D 247 -20.09 -5.65 -10.84
CA PHE D 247 -21.43 -5.95 -10.36
C PHE D 247 -21.95 -7.26 -10.90
N GLU D 248 -21.92 -7.45 -12.22
CA GLU D 248 -22.58 -8.61 -12.79
C GLU D 248 -21.97 -9.91 -12.28
N ASP D 249 -20.65 -9.95 -12.10
CA ASP D 249 -20.02 -11.16 -11.58
C ASP D 249 -20.31 -11.33 -10.09
N ALA D 250 -20.24 -10.24 -9.32
CA ALA D 250 -20.58 -10.33 -7.90
C ALA D 250 -22.04 -10.72 -7.69
N ALA D 251 -22.94 -10.27 -8.58
CA ALA D 251 -24.36 -10.55 -8.43
C ALA D 251 -24.70 -12.03 -8.63
N LYS D 252 -23.81 -12.80 -9.24
CA LYS D 252 -24.05 -14.24 -9.35
C LYS D 252 -23.73 -15.01 -8.08
N ARG D 253 -23.05 -14.40 -7.11
CA ARG D 253 -22.68 -15.09 -5.88
C ARG D 253 -23.31 -14.51 -4.64
N ALA D 254 -23.59 -13.21 -4.61
CA ALA D 254 -24.08 -12.58 -3.39
C ALA D 254 -25.55 -12.89 -3.17
N SER D 255 -25.99 -12.79 -1.91
CA SER D 255 -27.41 -12.86 -1.60
C SER D 255 -28.10 -11.52 -1.82
N TYR D 256 -27.39 -10.42 -1.58
CA TYR D 256 -27.88 -9.06 -1.69
C TYR D 256 -26.75 -8.21 -2.19
N ILE D 257 -27.03 -7.22 -3.04
CA ILE D 257 -25.99 -6.37 -3.59
C ILE D 257 -26.56 -5.00 -3.89
N THR D 258 -25.77 -3.97 -3.61
CA THR D 258 -26.14 -2.60 -3.95
C THR D 258 -25.72 -2.28 -5.39
N PRO D 259 -26.63 -1.77 -6.21
CA PRO D 259 -26.22 -1.32 -7.55
C PRO D 259 -25.54 0.04 -7.47
N VAL D 260 -24.85 0.37 -8.56
CA VAL D 260 -24.25 1.69 -8.73
C VAL D 260 -24.54 2.15 -10.15
N PRO D 261 -25.24 3.28 -10.37
CA PRO D 261 -25.80 4.15 -9.33
C PRO D 261 -27.03 3.56 -8.65
N GLY D 262 -27.54 4.29 -7.65
CA GLY D 262 -28.82 3.99 -7.05
C GLY D 262 -28.77 3.15 -5.80
N GLY D 263 -27.61 2.98 -5.19
CA GLY D 263 -27.47 2.13 -4.03
C GLY D 263 -27.12 2.92 -2.79
N VAL D 264 -25.84 2.95 -2.40
CA VAL D 264 -25.45 3.71 -1.20
C VAL D 264 -25.61 5.20 -1.44
N GLY D 265 -25.35 5.66 -2.67
CA GLY D 265 -25.30 7.07 -3.02
C GLY D 265 -26.45 7.90 -2.45
N PRO D 266 -27.67 7.57 -2.84
CA PRO D 266 -28.81 8.38 -2.35
C PRO D 266 -29.00 8.31 -0.83
N MET D 267 -28.45 7.30 -0.15
CA MET D 267 -28.63 7.21 1.29
C MET D 267 -27.77 8.21 2.04
N THR D 268 -26.59 8.56 1.53
CA THR D 268 -25.75 9.54 2.19
C THR D 268 -26.50 10.86 2.38
N VAL D 269 -27.10 11.39 1.30
CA VAL D 269 -27.84 12.66 1.39
C VAL D 269 -29.04 12.52 2.32
N ALA D 270 -29.83 11.44 2.15
CA ALA D 270 -30.97 11.23 3.02
C ALA D 270 -30.56 11.20 4.49
N THR D 271 -29.39 10.61 4.81
CA THR D 271 -28.99 10.53 6.21
C THR D 271 -28.56 11.89 6.76
N LEU D 272 -28.02 12.76 5.92
CA LEU D 272 -27.79 14.14 6.36
C LEU D 272 -29.08 14.78 6.85
N ILE D 273 -30.16 14.60 6.08
CA ILE D 273 -31.46 15.15 6.44
C ILE D 273 -31.98 14.50 7.72
N GLU D 274 -31.83 13.17 7.82
CA GLU D 274 -32.24 12.45 9.02
C GLU D 274 -31.46 12.94 10.23
N ASN D 275 -30.15 13.14 10.07
CA ASN D 275 -29.31 13.62 11.16
C ASN D 275 -29.74 15.02 11.61
N THR D 276 -30.15 15.87 10.65
CA THR D 276 -30.58 17.23 11.00
C THR D 276 -31.88 17.20 11.78
N LEU D 277 -32.81 16.32 11.38
CA LEU D 277 -34.02 16.18 12.18
C LEU D 277 -33.68 15.66 13.59
N GLN D 278 -32.77 14.68 13.68
CA GLN D 278 -32.37 14.15 14.99
C GLN D 278 -31.86 15.25 15.89
N ALA D 279 -30.97 16.10 15.35
CA ALA D 279 -30.42 17.19 16.13
C ALA D 279 -31.52 18.10 16.66
N CYS D 280 -32.48 18.42 15.80
CA CYS D 280 -33.58 19.30 16.21
C CYS D 280 -34.44 18.63 17.28
N VAL D 281 -34.83 17.38 17.06
CA VAL D 281 -35.81 16.73 17.94
C VAL D 281 -35.16 16.30 19.25
N GLU D 282 -33.93 15.77 19.20
CA GLU D 282 -33.35 15.20 20.40
C GLU D 282 -32.52 16.19 21.21
N TYR D 283 -31.82 17.10 20.56
CA TYR D 283 -30.82 17.92 21.26
C TYR D 283 -31.23 19.36 21.46
N HIS D 284 -32.01 19.96 20.57
CA HIS D 284 -32.21 21.40 20.61
C HIS D 284 -33.60 21.77 21.11
N ASP D 285 -34.64 21.22 20.49
CA ASP D 285 -36.02 21.58 20.81
C ASP D 285 -36.79 20.29 21.05
N PRO D 286 -36.49 19.59 22.16
CA PRO D 286 -37.18 18.34 22.52
C PRO D 286 -38.56 18.57 23.14
#